data_6G9W
#
_entry.id   6G9W
#
_cell.length_a   56.711
_cell.length_b   139.980
_cell.length_c   146.293
_cell.angle_alpha   90.00
_cell.angle_beta   90.00
_cell.angle_gamma   90.00
#
_symmetry.space_group_name_H-M   'P 21 21 21'
#
loop_
_entity.id
_entity.type
_entity.pdbx_description
1 polymer 'UDP-N-acetylglucosamine pyrophosphorylase'
2 non-polymer "URIDINE 5'-TRIPHOSPHATE"
3 water water
#
_entity_poly.entity_id   1
_entity_poly.type   'polypeptide(L)'
_entity_poly.pdbx_seq_one_letter_code
;MAVAIKETVSNFMERFHGHPENLPREPSAEEFQQLRKKYTDAGQGHVFAFVDELQTGERSQLFHQLSSFDPVRINELADK
ALNPPKADDGPASLEPLPDIATASILDSDPKDLEQWYEEGLKLVAGNKVAVVLMAGGQGTRLGSSAPKGCFDIGLPSHKS
LFQIQAERIAKLQLLAQRISGKEAVIPWYVMTSGPTRKPTEEFFEQHKYFGLNKSDVIIFEQGVLPCISNEGKILMESKF
KVAVAPDGNGGIYQALLTSGVREDMRKRGIEHIHTYCVDNCLVKVADPVFIGFAASKQVDIATKVVRKRNATESVGLILQ
KNGKPDVVEYSEIDKETAEAKDPKQPDVLKFRAANIVNHYYSFKFFESIELWAHKLPHHVARKKIPCIKEGTGEFFKPEK
PNGIKLEQFVFDVFPMTPLEKFACIEVRREDEFSPLKNARGTGEDDPDTSKRDIMSQGQRWIEKAGGIVITEGDVVGVEV
SPLISYGGEGLEFLKGREIKAPAFIEKEE
;
_entity_poly.pdbx_strand_id   A,B
#
# COMPACT_ATOMS: atom_id res chain seq x y z
N PRO A 27 55.75 -12.18 -5.96
CA PRO A 27 56.38 -12.44 -4.67
C PRO A 27 57.39 -13.59 -4.71
N SER A 28 58.50 -13.44 -4.00
CA SER A 28 59.47 -14.52 -3.85
C SER A 28 58.87 -15.65 -3.01
N ALA A 29 59.57 -16.77 -2.92
CA ALA A 29 59.15 -17.84 -2.03
C ALA A 29 59.23 -17.41 -0.56
N GLU A 30 60.20 -16.55 -0.24
CA GLU A 30 60.34 -16.05 1.14
C GLU A 30 59.33 -14.96 1.52
N GLU A 31 58.88 -14.18 0.54
CA GLU A 31 57.81 -13.19 0.75
C GLU A 31 56.48 -13.87 0.97
N PHE A 32 56.23 -14.90 0.15
CA PHE A 32 55.05 -15.74 0.27
C PHE A 32 54.99 -16.44 1.62
N GLN A 33 56.14 -16.98 2.06
CA GLN A 33 56.19 -17.77 3.30
C GLN A 33 56.04 -16.89 4.54
N GLN A 34 56.56 -15.66 4.45
CA GLN A 34 56.33 -14.65 5.49
C GLN A 34 54.83 -14.39 5.69
N LEU A 35 54.09 -14.29 4.59
CA LEU A 35 52.65 -14.04 4.65
C LEU A 35 51.87 -15.27 5.13
N ARG A 36 52.37 -16.46 4.79
CA ARG A 36 51.81 -17.73 5.26
C ARG A 36 51.98 -17.88 6.78
N LYS A 37 53.12 -17.43 7.30
CA LYS A 37 53.39 -17.43 8.74
C LYS A 37 52.44 -16.49 9.49
N LYS A 38 52.29 -15.27 8.98
CA LYS A 38 51.41 -14.26 9.60
C LYS A 38 49.99 -14.82 9.75
N TYR A 39 49.51 -15.49 8.72
CA TYR A 39 48.16 -16.06 8.71
C TYR A 39 48.00 -17.29 9.62
N THR A 40 48.97 -18.21 9.53
CA THR A 40 49.02 -19.42 10.36
C THR A 40 49.10 -19.07 11.85
N ASP A 41 49.99 -18.13 12.19
CA ASP A 41 50.10 -17.60 13.54
C ASP A 41 48.77 -17.03 14.06
N ALA A 42 47.97 -16.47 13.14
CA ALA A 42 46.67 -15.88 13.50
C ALA A 42 45.49 -16.87 13.52
N GLY A 43 45.76 -18.15 13.23
CA GLY A 43 44.73 -19.20 13.24
C GLY A 43 44.07 -19.42 11.91
N GLN A 44 44.63 -18.78 10.87
CA GLN A 44 43.97 -18.65 9.57
C GLN A 44 44.80 -19.23 8.42
N GLY A 45 45.62 -20.24 8.72
CA GLY A 45 46.59 -20.79 7.77
C GLY A 45 45.99 -21.68 6.71
N HIS A 46 44.77 -22.13 6.99
CA HIS A 46 43.95 -22.92 6.06
C HIS A 46 43.64 -22.20 4.75
N VAL A 47 43.86 -20.88 4.69
CA VAL A 47 43.69 -20.15 3.42
C VAL A 47 44.78 -20.47 2.38
N PHE A 48 45.85 -21.13 2.82
CA PHE A 48 46.90 -21.62 1.93
C PHE A 48 46.83 -23.14 1.70
N ALA A 49 45.72 -23.77 2.07
CA ALA A 49 45.61 -25.22 2.04
C ALA A 49 45.75 -25.83 0.63
N PHE A 50 45.40 -25.06 -0.39
CA PHE A 50 45.44 -25.55 -1.79
C PHE A 50 46.54 -24.88 -2.65
N VAL A 51 47.58 -24.36 -2.00
CA VAL A 51 48.68 -23.68 -2.68
C VAL A 51 49.45 -24.59 -3.66
N ASP A 52 49.57 -25.86 -3.29
CA ASP A 52 50.23 -26.89 -4.10
C ASP A 52 49.70 -27.01 -5.52
N GLU A 53 48.38 -26.82 -5.68
CA GLU A 53 47.70 -27.01 -6.97
C GLU A 53 47.39 -25.71 -7.72
N LEU A 54 48.14 -24.64 -7.42
CA LEU A 54 47.87 -23.33 -8.02
C LEU A 54 48.86 -22.92 -9.12
N GLN A 55 48.33 -22.31 -10.18
CA GLN A 55 49.07 -22.04 -11.42
C GLN A 55 49.85 -20.71 -11.45
N THR A 56 50.54 -20.37 -10.36
CA THR A 56 51.46 -19.21 -10.33
C THR A 56 50.78 -17.84 -10.45
N GLY A 57 49.92 -17.69 -11.46
CA GLY A 57 49.10 -16.50 -11.60
C GLY A 57 48.06 -16.46 -10.51
N GLU A 58 47.40 -17.60 -10.30
CA GLU A 58 46.46 -17.81 -9.21
C GLU A 58 47.15 -17.62 -7.87
N ARG A 59 48.35 -18.20 -7.75
CA ARG A 59 49.17 -18.10 -6.55
C ARG A 59 49.53 -16.66 -6.25
N SER A 60 49.75 -15.88 -7.31
CA SER A 60 50.05 -14.45 -7.21
C SER A 60 48.85 -13.65 -6.70
N GLN A 61 47.67 -13.98 -7.24
CA GLN A 61 46.40 -13.35 -6.86
C GLN A 61 46.05 -13.53 -5.38
N LEU A 62 46.18 -14.76 -4.87
CA LEU A 62 45.92 -15.06 -3.46
C LEU A 62 46.86 -14.28 -2.56
N PHE A 63 48.16 -14.29 -2.91
CA PHE A 63 49.17 -13.50 -2.20
C PHE A 63 48.77 -12.03 -2.05
N HIS A 64 48.35 -11.40 -3.16
CA HIS A 64 47.99 -9.99 -3.12
C HIS A 64 46.66 -9.71 -2.40
N GLN A 65 45.65 -10.57 -2.63
CA GLN A 65 44.37 -10.47 -1.93
C GLN A 65 44.52 -10.62 -0.41
N LEU A 66 45.41 -11.52 0.01
CA LEU A 66 45.66 -11.81 1.43
C LEU A 66 46.52 -10.76 2.10
N SER A 67 47.33 -10.05 1.31
CA SER A 67 48.15 -8.94 1.82
C SER A 67 47.34 -7.69 2.13
N SER A 68 46.11 -7.61 1.63
CA SER A 68 45.24 -6.46 1.89
C SER A 68 44.45 -6.58 3.20
N PHE A 69 44.48 -7.77 3.80
CA PHE A 69 43.83 -8.01 5.10
C PHE A 69 44.84 -8.30 6.18
N ASP A 70 44.59 -7.77 7.38
CA ASP A 70 45.33 -8.18 8.56
C ASP A 70 44.45 -9.21 9.29
N PRO A 71 44.91 -10.48 9.34
CA PRO A 71 44.19 -11.60 10.00
C PRO A 71 43.99 -11.42 11.50
N VAL A 72 44.84 -10.63 12.15
CA VAL A 72 44.66 -10.28 13.57
C VAL A 72 43.46 -9.32 13.73
N ARG A 73 43.35 -8.32 12.86
CA ARG A 73 42.20 -7.42 12.84
C ARG A 73 40.92 -8.20 12.60
N ILE A 74 40.95 -9.13 11.65
CA ILE A 74 39.82 -10.01 11.40
C ILE A 74 39.46 -10.89 12.63
N ASN A 75 40.48 -11.40 13.32
CA ASN A 75 40.24 -12.10 14.60
C ASN A 75 39.58 -11.19 15.64
N GLU A 76 40.03 -9.94 15.69
CA GLU A 76 39.44 -8.94 16.57
C GLU A 76 37.94 -8.76 16.33
N LEU A 77 37.61 -8.40 15.08
CA LEU A 77 36.23 -8.18 14.65
C LEU A 77 35.37 -9.42 14.85
N ALA A 78 35.91 -10.58 14.49
CA ALA A 78 35.23 -11.86 14.70
C ALA A 78 35.03 -12.21 16.18
N ASP A 79 35.98 -11.83 17.04
CA ASP A 79 35.86 -12.10 18.47
C ASP A 79 34.78 -11.23 19.11
N LYS A 80 34.80 -9.94 18.79
CA LYS A 80 33.78 -9.01 19.28
C LYS A 80 32.37 -9.38 18.79
N ALA A 81 32.29 -9.85 17.55
CA ALA A 81 31.02 -10.22 16.94
C ALA A 81 30.42 -11.48 17.53
N LEU A 82 31.26 -12.47 17.78
CA LEU A 82 30.80 -13.79 18.17
C LEU A 82 30.82 -14.00 19.68
N ASN A 83 31.63 -13.19 20.38
CA ASN A 83 31.71 -13.24 21.84
C ASN A 83 31.48 -11.85 22.46
N PRO A 84 30.22 -11.34 22.40
CA PRO A 84 29.94 -10.06 23.07
C PRO A 84 29.86 -10.20 24.59
N PRO A 91 15.03 -5.00 28.86
CA PRO A 91 13.83 -4.56 28.12
C PRO A 91 13.83 -3.03 27.91
N ALA A 92 13.98 -2.61 26.66
CA ALA A 92 14.11 -1.20 26.29
C ALA A 92 12.81 -0.42 26.47
N SER A 93 12.94 0.88 26.75
CA SER A 93 11.81 1.79 26.76
C SER A 93 11.69 2.39 25.36
N LEU A 94 10.50 2.30 24.79
CA LEU A 94 10.25 2.83 23.46
C LEU A 94 9.28 3.99 23.51
N GLU A 95 9.75 5.15 23.05
CA GLU A 95 8.88 6.30 22.88
C GLU A 95 9.11 6.85 21.48
N PRO A 96 8.06 7.46 20.87
CA PRO A 96 8.28 8.11 19.59
C PRO A 96 9.20 9.31 19.75
N LEU A 97 9.81 9.75 18.66
CA LEU A 97 10.62 10.97 18.64
C LEU A 97 9.76 12.15 19.08
N PRO A 98 10.37 13.16 19.73
CA PRO A 98 9.54 14.27 20.24
C PRO A 98 9.00 15.13 19.10
N ASP A 99 7.80 15.68 19.30
CA ASP A 99 7.12 16.54 18.32
C ASP A 99 8.04 17.54 17.63
N ILE A 100 8.97 18.08 18.40
CA ILE A 100 9.92 19.08 17.91
C ILE A 100 10.93 18.54 16.88
N ALA A 101 11.17 17.23 16.88
CA ALA A 101 12.11 16.61 15.91
C ALA A 101 11.44 16.17 14.61
N THR A 102 10.10 16.20 14.57
CA THR A 102 9.36 15.53 13.50
C THR A 102 8.53 16.46 12.63
N ALA A 103 8.22 15.99 11.42
CA ALA A 103 7.38 16.69 10.47
C ALA A 103 6.74 15.66 9.55
N SER A 104 5.83 16.10 8.69
CA SER A 104 5.16 15.20 7.77
C SER A 104 4.69 15.96 6.51
N ILE A 105 5.01 15.43 5.34
CA ILE A 105 4.45 15.92 4.09
C ILE A 105 2.91 15.79 4.15
N LEU A 106 2.43 14.79 4.89
CA LEU A 106 0.99 14.57 4.99
C LEU A 106 0.28 15.55 5.93
N ASP A 107 0.91 15.88 7.05
CA ASP A 107 0.25 16.59 8.14
C ASP A 107 0.78 17.99 8.45
N SER A 108 2.02 18.26 8.08
CA SER A 108 2.62 19.58 8.36
C SER A 108 1.86 20.70 7.67
N ASP A 109 2.09 21.92 8.16
CA ASP A 109 1.56 23.13 7.54
C ASP A 109 2.19 23.30 6.16
N PRO A 110 1.35 23.27 5.09
CA PRO A 110 1.82 23.45 3.72
C PRO A 110 2.71 24.68 3.56
N LYS A 111 2.47 25.68 4.41
CA LYS A 111 3.28 26.89 4.43
C LYS A 111 4.73 26.58 4.80
N ASP A 112 4.90 25.68 5.78
CA ASP A 112 6.23 25.15 6.17
C ASP A 112 6.84 24.30 5.07
N LEU A 113 6.04 23.38 4.51
CA LEU A 113 6.49 22.52 3.41
C LEU A 113 7.03 23.35 2.25
N GLU A 114 6.35 24.46 1.96
CA GLU A 114 6.74 25.34 0.85
C GLU A 114 7.97 26.18 1.18
N GLN A 115 8.09 26.62 2.44
CA GLN A 115 9.27 27.37 2.88
C GLN A 115 10.49 26.46 2.84
N TRP A 116 10.32 25.22 3.34
CA TRP A 116 11.37 24.20 3.30
C TRP A 116 11.82 23.89 1.87
N TYR A 117 10.87 23.72 0.94
CA TYR A 117 11.25 23.53 -0.46
C TYR A 117 12.07 24.69 -0.98
N GLU A 118 11.52 25.91 -0.88
CA GLU A 118 12.18 27.13 -1.35
C GLU A 118 13.58 27.30 -0.77
N GLU A 119 13.72 27.05 0.54
CA GLU A 119 15.03 27.14 1.18
C GLU A 119 15.99 26.02 0.78
N GLY A 120 15.49 24.80 0.64
CA GLY A 120 16.30 23.68 0.19
C GLY A 120 16.84 23.88 -1.22
N LEU A 121 16.00 24.45 -2.08
CA LEU A 121 16.41 24.81 -3.44
C LEU A 121 17.49 25.88 -3.47
N LYS A 122 17.39 26.84 -2.56
CA LYS A 122 18.41 27.85 -2.39
C LYS A 122 19.78 27.25 -2.03
N LEU A 123 19.79 26.25 -1.14
CA LEU A 123 21.02 25.54 -0.80
C LEU A 123 21.62 24.75 -1.98
N VAL A 124 20.74 24.20 -2.82
CA VAL A 124 21.14 23.55 -4.07
C VAL A 124 21.78 24.55 -5.04
N ALA A 125 21.09 25.69 -5.23
CA ALA A 125 21.58 26.81 -6.04
C ALA A 125 22.97 27.28 -5.59
N GLY A 126 23.22 27.27 -4.29
CA GLY A 126 24.50 27.73 -3.73
C GLY A 126 25.63 26.72 -3.82
N ASN A 127 25.37 25.60 -4.49
CA ASN A 127 26.31 24.47 -4.58
C ASN A 127 26.71 23.90 -3.22
N LYS A 128 25.79 23.99 -2.26
CA LYS A 128 26.05 23.53 -0.89
C LYS A 128 25.63 22.08 -0.68
N VAL A 129 25.00 21.49 -1.68
CA VAL A 129 24.39 20.16 -1.55
C VAL A 129 25.16 19.05 -2.29
N ALA A 130 25.44 17.99 -1.55
CA ALA A 130 26.06 16.81 -2.13
C ALA A 130 25.18 15.60 -1.89
N VAL A 131 25.34 14.60 -2.74
CA VAL A 131 24.66 13.32 -2.59
C VAL A 131 25.68 12.19 -2.38
N VAL A 132 25.43 11.33 -1.40
CA VAL A 132 26.12 10.04 -1.35
C VAL A 132 25.14 8.89 -1.62
N LEU A 133 25.38 8.20 -2.74
CA LEU A 133 24.58 7.06 -3.14
C LEU A 133 25.22 5.82 -2.54
N MET A 134 24.44 5.06 -1.76
CA MET A 134 24.94 3.83 -1.19
C MET A 134 24.66 2.69 -2.17
N ALA A 135 25.70 2.32 -2.91
CA ALA A 135 25.60 1.38 -4.03
C ALA A 135 26.70 0.31 -3.94
N GLY A 136 27.12 -0.01 -2.73
CA GLY A 136 28.17 -1.01 -2.53
C GLY A 136 27.63 -2.40 -2.21
N GLY A 137 26.35 -2.48 -1.84
CA GLY A 137 25.72 -3.75 -1.48
C GLY A 137 25.68 -4.72 -2.64
N GLN A 138 25.75 -6.02 -2.32
CA GLN A 138 25.81 -7.08 -3.35
C GLN A 138 24.45 -7.48 -3.92
N GLY A 139 23.38 -7.21 -3.16
CA GLY A 139 22.01 -7.47 -3.60
C GLY A 139 21.73 -8.95 -3.84
N THR A 140 22.09 -9.77 -2.85
CA THR A 140 22.08 -11.23 -3.02
C THR A 140 20.68 -11.87 -2.87
N ARG A 141 19.61 -11.12 -3.11
CA ARG A 141 18.26 -11.70 -3.17
C ARG A 141 17.46 -11.28 -4.40
N LEU A 142 17.87 -10.19 -5.05
CA LEU A 142 17.44 -9.93 -6.42
C LEU A 142 18.25 -10.87 -7.33
N GLY A 143 19.49 -11.13 -6.91
CA GLY A 143 20.39 -12.04 -7.62
C GLY A 143 20.63 -11.65 -9.06
N SER A 144 20.95 -10.39 -9.30
CA SER A 144 21.45 -9.97 -10.59
C SER A 144 22.94 -10.28 -10.62
N SER A 145 23.49 -10.47 -11.82
CA SER A 145 24.93 -10.61 -11.98
C SER A 145 25.62 -9.24 -12.05
N ALA A 146 24.85 -8.20 -12.40
CA ALA A 146 25.32 -6.82 -12.46
C ALA A 146 24.98 -6.07 -11.17
N PRO A 147 25.67 -4.93 -10.90
CA PRO A 147 25.25 -4.03 -9.82
C PRO A 147 23.76 -3.66 -9.92
N LYS A 148 23.10 -3.62 -8.76
CA LYS A 148 21.66 -3.34 -8.68
C LYS A 148 21.22 -2.07 -9.42
N GLY A 149 22.05 -1.03 -9.38
CA GLY A 149 21.74 0.22 -10.06
C GLY A 149 21.58 0.10 -11.56
N CYS A 150 22.20 -0.92 -12.15
CA CYS A 150 22.09 -1.19 -13.60
C CYS A 150 20.77 -1.84 -13.96
N PHE A 151 20.03 -2.29 -12.95
CA PHE A 151 18.81 -3.04 -13.21
C PHE A 151 17.78 -2.23 -14.00
N ASP A 152 17.21 -2.91 -15.00
CA ASP A 152 16.18 -2.37 -15.85
C ASP A 152 14.88 -3.01 -15.36
N ILE A 153 14.01 -2.19 -14.77
CA ILE A 153 12.76 -2.68 -14.17
C ILE A 153 11.62 -2.89 -15.15
N GLY A 154 11.83 -2.55 -16.42
CA GLY A 154 10.84 -2.85 -17.45
C GLY A 154 10.00 -1.68 -17.91
N LEU A 155 10.39 -0.47 -17.53
CA LEU A 155 9.80 0.76 -18.05
C LEU A 155 9.94 0.81 -19.57
N PRO A 156 9.00 1.48 -20.27
CA PRO A 156 9.11 1.73 -21.73
C PRO A 156 10.49 2.27 -22.16
N SER A 157 11.09 3.13 -21.34
CA SER A 157 12.39 3.74 -21.65
C SER A 157 13.55 2.75 -21.50
N HIS A 158 13.34 1.75 -20.63
CA HIS A 158 14.36 0.74 -20.31
C HIS A 158 15.54 1.32 -19.53
N LYS A 159 15.32 2.47 -18.90
CA LYS A 159 16.33 3.13 -18.09
C LYS A 159 16.64 2.34 -16.84
N SER A 160 17.93 2.24 -16.53
CA SER A 160 18.42 1.74 -15.26
C SER A 160 18.06 2.66 -14.10
N LEU A 161 18.14 2.14 -12.88
CA LEU A 161 17.99 2.94 -11.66
C LEU A 161 19.04 4.06 -11.59
N PHE A 162 20.27 3.77 -12.00
CA PHE A 162 21.34 4.76 -12.08
C PHE A 162 20.89 5.97 -12.92
N GLN A 163 20.52 5.73 -14.18
CA GLN A 163 20.08 6.79 -15.08
C GLN A 163 18.92 7.65 -14.55
N ILE A 164 17.85 7.01 -14.11
CA ILE A 164 16.71 7.70 -13.50
C ILE A 164 17.17 8.67 -12.39
N GLN A 165 17.99 8.17 -11.47
CA GLN A 165 18.49 8.98 -10.35
C GLN A 165 19.40 10.13 -10.82
N ALA A 166 20.15 9.88 -11.89
CA ALA A 166 21.01 10.91 -12.50
C ALA A 166 20.21 12.03 -13.15
N GLU A 167 19.15 11.66 -13.86
CA GLU A 167 18.24 12.62 -14.51
C GLU A 167 17.48 13.49 -13.48
N ARG A 168 17.23 12.93 -12.30
CA ARG A 168 16.67 13.70 -11.17
C ARG A 168 17.66 14.75 -10.66
N ILE A 169 18.93 14.37 -10.56
CA ILE A 169 20.01 15.31 -10.26
C ILE A 169 20.08 16.39 -11.34
N ALA A 170 20.08 15.98 -12.60
CA ALA A 170 20.15 16.92 -13.72
C ALA A 170 18.99 17.91 -13.67
N LYS A 171 17.79 17.37 -13.48
CA LYS A 171 16.57 18.16 -13.48
C LYS A 171 16.54 19.12 -12.30
N LEU A 172 16.90 18.63 -11.11
CA LEU A 172 16.95 19.50 -9.94
C LEU A 172 17.93 20.66 -10.11
N GLN A 173 19.08 20.40 -10.75
CA GLN A 173 20.09 21.44 -11.04
C GLN A 173 19.52 22.53 -11.94
N LEU A 174 18.79 22.13 -12.98
CA LEU A 174 18.14 23.08 -13.88
C LEU A 174 17.03 23.87 -13.18
N LEU A 175 16.28 23.20 -12.29
CA LEU A 175 15.30 23.89 -11.47
C LEU A 175 15.93 24.96 -10.60
N ALA A 176 17.05 24.62 -9.95
CA ALA A 176 17.74 25.55 -9.07
C ALA A 176 18.28 26.74 -9.84
N GLN A 177 18.73 26.48 -11.08
CA GLN A 177 19.27 27.50 -11.98
C GLN A 177 18.23 28.56 -12.39
N ARG A 178 16.98 28.14 -12.56
CA ARG A 178 15.85 29.05 -12.80
C ARG A 178 15.82 30.20 -11.77
N ILE A 179 15.93 29.86 -10.49
CA ILE A 179 15.81 30.85 -9.42
C ILE A 179 17.08 31.67 -9.20
N SER A 180 18.23 31.12 -9.59
CA SER A 180 19.52 31.77 -9.29
C SER A 180 20.18 32.45 -10.49
N GLY A 181 19.83 32.02 -11.69
CA GLY A 181 20.51 32.50 -12.89
C GLY A 181 21.88 31.87 -13.10
N LYS A 182 22.38 31.15 -12.09
CA LYS A 182 23.70 30.51 -12.14
C LYS A 182 23.57 28.99 -12.21
N GLU A 183 24.58 28.32 -12.77
CA GLU A 183 24.66 26.87 -12.76
C GLU A 183 24.62 26.32 -11.33
N ALA A 184 23.85 25.26 -11.12
CA ALA A 184 23.82 24.58 -9.82
C ALA A 184 24.43 23.20 -9.97
N VAL A 185 25.24 22.81 -8.99
CA VAL A 185 25.91 21.50 -8.99
C VAL A 185 25.65 20.74 -7.70
N ILE A 186 25.26 19.47 -7.86
CA ILE A 186 25.08 18.53 -6.77
C ILE A 186 26.03 17.36 -7.05
N PRO A 187 27.22 17.36 -6.41
CA PRO A 187 28.13 16.24 -6.58
C PRO A 187 27.53 14.89 -6.18
N TRP A 188 27.76 13.89 -7.03
CA TRP A 188 27.19 12.59 -6.87
C TRP A 188 28.32 11.60 -6.55
N TYR A 189 28.55 11.42 -5.26
CA TYR A 189 29.52 10.48 -4.76
C TYR A 189 28.88 9.10 -4.66
N VAL A 190 29.28 8.22 -5.58
CA VAL A 190 28.71 6.89 -5.68
C VAL A 190 29.59 5.93 -4.94
N MET A 191 29.07 5.43 -3.83
CA MET A 191 29.81 4.49 -3.00
C MET A 191 29.58 3.09 -3.51
N THR A 192 30.65 2.49 -3.98
CA THR A 192 30.65 1.10 -4.43
C THR A 192 31.47 0.26 -3.47
N SER A 193 31.72 -0.98 -3.86
CA SER A 193 32.67 -1.84 -3.17
C SER A 193 33.39 -2.69 -4.21
N GLY A 194 34.44 -3.39 -3.77
CA GLY A 194 35.16 -4.37 -4.62
C GLY A 194 34.34 -5.08 -5.69
N PRO A 195 33.29 -5.82 -5.29
CA PRO A 195 32.44 -6.52 -6.27
C PRO A 195 31.57 -5.62 -7.17
N THR A 196 31.25 -4.42 -6.69
CA THR A 196 30.42 -3.47 -7.45
C THR A 196 31.23 -2.47 -8.27
N ARG A 197 32.45 -2.16 -7.82
CA ARG A 197 33.19 -1.01 -8.38
C ARG A 197 33.38 -0.99 -9.90
N LYS A 198 34.10 -1.97 -10.43
CA LYS A 198 34.50 -1.95 -11.85
C LYS A 198 33.31 -1.95 -12.82
N PRO A 199 32.31 -2.85 -12.63
CA PRO A 199 31.17 -2.81 -13.54
C PRO A 199 30.33 -1.51 -13.46
N THR A 200 30.33 -0.86 -12.30
CA THR A 200 29.65 0.42 -12.12
C THR A 200 30.37 1.52 -12.91
N GLU A 201 31.69 1.57 -12.77
CA GLU A 201 32.53 2.50 -13.53
C GLU A 201 32.36 2.33 -15.05
N GLU A 202 32.23 1.09 -15.50
CA GLU A 202 32.04 0.79 -16.92
C GLU A 202 30.64 1.20 -17.41
N PHE A 203 29.62 0.93 -16.58
CA PHE A 203 28.24 1.29 -16.88
C PHE A 203 28.07 2.81 -17.02
N PHE A 204 28.60 3.57 -16.07
CA PHE A 204 28.52 5.04 -16.12
C PHE A 204 29.21 5.57 -17.37
N GLU A 205 30.37 4.98 -17.68
CA GLU A 205 31.17 5.30 -18.83
C GLU A 205 30.48 5.02 -20.16
N GLN A 206 29.93 3.82 -20.30
CA GLN A 206 29.14 3.44 -21.50
C GLN A 206 27.96 4.39 -21.69
N HIS A 207 27.37 4.85 -20.57
CA HIS A 207 26.20 5.73 -20.60
C HIS A 207 26.54 7.21 -20.54
N LYS A 208 27.78 7.55 -20.88
CA LYS A 208 28.29 8.92 -20.91
C LYS A 208 27.92 9.73 -19.67
N TYR A 209 27.92 9.06 -18.51
CA TYR A 209 27.60 9.66 -17.20
C TYR A 209 26.20 10.28 -17.14
N PHE A 210 25.30 9.75 -17.98
CA PHE A 210 23.89 10.10 -18.01
C PHE A 210 23.63 11.61 -18.20
N GLY A 211 24.48 12.23 -19.01
CA GLY A 211 24.36 13.66 -19.30
C GLY A 211 24.88 14.61 -18.24
N LEU A 212 25.39 14.08 -17.14
CA LEU A 212 26.06 14.90 -16.12
C LEU A 212 27.52 15.09 -16.53
N ASN A 213 28.18 16.08 -15.93
CA ASN A 213 29.64 16.24 -16.12
C ASN A 213 30.44 15.30 -15.23
N LYS A 214 31.34 14.53 -15.86
CA LYS A 214 32.29 13.63 -15.20
C LYS A 214 32.83 14.11 -13.85
N SER A 215 33.26 15.37 -13.79
CA SER A 215 33.88 15.91 -12.58
C SER A 215 32.92 15.89 -11.39
N ASP A 216 31.61 15.87 -11.67
CA ASP A 216 30.58 16.01 -10.65
C ASP A 216 30.01 14.66 -10.21
N VAL A 217 30.52 13.61 -10.84
CA VAL A 217 30.21 12.24 -10.48
C VAL A 217 31.50 11.59 -9.96
N ILE A 218 31.50 11.22 -8.67
CA ILE A 218 32.68 10.65 -8.02
C ILE A 218 32.36 9.23 -7.53
N ILE A 219 32.93 8.23 -8.19
CA ILE A 219 32.79 6.84 -7.76
C ILE A 219 33.89 6.50 -6.73
N PHE A 220 33.49 6.02 -5.57
CA PHE A 220 34.48 5.64 -4.57
C PHE A 220 34.14 4.29 -3.96
N GLU A 221 35.01 3.81 -3.07
CA GLU A 221 34.83 2.49 -2.49
C GLU A 221 34.67 2.55 -0.98
N GLN A 222 33.82 1.67 -0.46
CA GLN A 222 33.88 1.33 0.96
C GLN A 222 34.83 0.13 1.08
N GLY A 223 35.25 -0.16 2.30
CA GLY A 223 36.05 -1.35 2.56
C GLY A 223 35.24 -2.63 2.44
N VAL A 224 35.94 -3.73 2.20
CA VAL A 224 35.35 -5.06 2.29
C VAL A 224 36.00 -5.85 3.43
N LEU A 225 35.39 -6.97 3.78
CA LEU A 225 35.93 -7.86 4.79
C LEU A 225 35.74 -9.30 4.34
N PRO A 226 36.68 -10.19 4.70
CA PRO A 226 36.47 -11.59 4.38
C PRO A 226 35.26 -12.13 5.13
N CYS A 227 34.56 -13.06 4.50
CA CYS A 227 33.48 -13.75 5.17
C CYS A 227 34.06 -14.86 6.00
N ILE A 228 33.41 -15.16 7.11
CA ILE A 228 33.95 -16.05 8.10
C ILE A 228 32.94 -17.14 8.43
N SER A 229 33.46 -18.30 8.82
CA SER A 229 32.64 -19.38 9.37
C SER A 229 31.98 -18.97 10.69
N ASN A 230 31.15 -19.86 11.24
CA ASN A 230 30.62 -19.72 12.59
C ASN A 230 31.72 -19.68 13.65
N GLU A 231 32.88 -20.25 13.32
CA GLU A 231 34.02 -20.31 14.23
C GLU A 231 35.05 -19.21 13.96
N GLY A 232 34.72 -18.29 13.06
CA GLY A 232 35.56 -17.12 12.79
C GLY A 232 36.73 -17.39 11.87
N LYS A 233 36.64 -18.48 11.09
CA LYS A 233 37.67 -18.83 10.13
C LYS A 233 37.30 -18.25 8.77
N ILE A 234 38.26 -17.59 8.14
CA ILE A 234 38.05 -17.02 6.80
C ILE A 234 37.54 -18.07 5.81
N LEU A 235 36.51 -17.68 5.06
CA LEU A 235 35.92 -18.54 4.03
C LEU A 235 36.58 -18.36 2.66
N MET A 236 36.77 -19.48 1.97
CA MET A 236 37.40 -19.48 0.65
C MET A 236 36.36 -19.59 -0.47
N GLU A 237 36.31 -18.58 -1.34
CA GLU A 237 35.44 -18.62 -2.51
C GLU A 237 35.93 -19.66 -3.51
N SER A 238 37.23 -19.58 -3.82
CA SER A 238 37.92 -20.58 -4.64
C SER A 238 39.21 -21.00 -3.96
N LYS A 239 39.96 -21.88 -4.61
CA LYS A 239 41.25 -22.34 -4.09
C LYS A 239 42.25 -21.20 -3.91
N PHE A 240 42.09 -20.13 -4.71
CA PHE A 240 43.00 -18.98 -4.70
C PHE A 240 42.30 -17.64 -4.42
N LYS A 241 41.06 -17.71 -3.93
CA LYS A 241 40.30 -16.49 -3.65
C LYS A 241 39.49 -16.57 -2.36
N VAL A 242 39.77 -15.63 -1.47
CA VAL A 242 39.04 -15.44 -0.24
C VAL A 242 37.64 -14.86 -0.54
N ALA A 243 36.61 -15.43 0.09
CA ALA A 243 35.25 -14.88 0.03
C ALA A 243 35.18 -13.56 0.82
N VAL A 244 34.84 -12.48 0.10
CA VAL A 244 34.69 -11.16 0.71
C VAL A 244 33.28 -10.58 0.47
N ALA A 245 32.98 -9.56 1.26
CA ALA A 245 31.71 -8.83 1.21
C ALA A 245 31.99 -7.41 1.67
N PRO A 246 31.20 -6.42 1.18
CA PRO A 246 31.31 -5.07 1.73
C PRO A 246 31.00 -5.09 3.23
N ASP A 247 31.59 -4.16 3.97
CA ASP A 247 31.47 -4.10 5.43
C ASP A 247 30.21 -3.39 5.97
N GLY A 248 29.12 -3.40 5.21
CA GLY A 248 27.85 -2.81 5.64
C GLY A 248 27.66 -1.37 5.21
N ASN A 249 26.40 -0.91 5.13
CA ASN A 249 26.11 0.48 4.75
C ASN A 249 26.68 1.47 5.78
N GLY A 250 26.91 0.96 7.00
CA GLY A 250 27.52 1.70 8.09
C GLY A 250 28.98 1.99 7.87
N GLY A 251 29.63 1.19 7.03
CA GLY A 251 30.99 1.46 6.54
C GLY A 251 31.15 2.77 5.77
N ILE A 252 30.03 3.46 5.54
CA ILE A 252 30.02 4.74 4.82
C ILE A 252 30.92 5.78 5.50
N TYR A 253 30.86 5.85 6.83
CA TYR A 253 31.51 6.94 7.57
C TYR A 253 33.03 6.89 7.46
N GLN A 254 33.60 5.72 7.70
CA GLN A 254 35.03 5.51 7.48
C GLN A 254 35.41 5.72 6.02
N ALA A 255 34.55 5.26 5.10
CA ALA A 255 34.86 5.31 3.68
C ALA A 255 34.92 6.74 3.13
N LEU A 256 34.21 7.64 3.79
CA LEU A 256 34.25 9.07 3.43
C LEU A 256 35.64 9.67 3.66
N LEU A 257 36.26 9.27 4.77
CA LEU A 257 37.61 9.67 5.16
C LEU A 257 38.67 9.02 4.27
N THR A 258 38.64 7.69 4.23
CA THR A 258 39.63 6.89 3.50
C THR A 258 39.69 7.26 2.01
N SER A 259 38.52 7.34 1.38
CA SER A 259 38.43 7.65 -0.06
C SER A 259 38.87 9.06 -0.40
N GLY A 260 38.97 9.91 0.64
CA GLY A 260 39.25 11.34 0.46
C GLY A 260 38.03 12.15 0.08
N VAL A 261 36.84 11.59 0.29
CA VAL A 261 35.59 12.18 -0.24
C VAL A 261 35.14 13.38 0.59
N ARG A 262 35.22 13.26 1.91
CA ARG A 262 34.90 14.34 2.84
C ARG A 262 35.71 15.61 2.60
N GLU A 263 36.98 15.45 2.24
CA GLU A 263 37.86 16.58 2.00
C GLU A 263 37.67 17.15 0.59
N ASP A 264 37.20 16.31 -0.33
CA ASP A 264 36.74 16.77 -1.65
C ASP A 264 35.51 17.67 -1.47
N MET A 265 34.58 17.23 -0.61
CA MET A 265 33.41 18.01 -0.23
C MET A 265 33.81 19.35 0.41
N ARG A 266 34.88 19.33 1.20
CA ARG A 266 35.48 20.53 1.81
C ARG A 266 35.87 21.55 0.73
N LYS A 267 36.73 21.11 -0.20
CA LYS A 267 37.13 21.91 -1.37
C LYS A 267 35.90 22.52 -2.10
N ARG A 268 34.90 21.67 -2.37
CA ARG A 268 33.68 22.09 -3.06
C ARG A 268 32.81 23.07 -2.26
N GLY A 269 32.98 23.12 -0.94
CA GLY A 269 32.16 23.98 -0.09
C GLY A 269 30.79 23.38 0.23
N ILE A 270 30.74 22.05 0.32
CA ILE A 270 29.53 21.32 0.67
C ILE A 270 29.19 21.53 2.15
N GLU A 271 27.90 21.74 2.44
CA GLU A 271 27.46 21.95 3.81
C GLU A 271 26.34 21.01 4.21
N HIS A 272 25.73 20.38 3.20
CA HIS A 272 24.54 19.56 3.37
C HIS A 272 24.63 18.35 2.46
N ILE A 273 24.43 17.16 3.04
CA ILE A 273 24.60 15.87 2.34
C ILE A 273 23.37 14.96 2.43
N HIS A 274 22.89 14.53 1.27
CA HIS A 274 21.76 13.64 1.19
C HIS A 274 22.28 12.25 0.83
N THR A 275 21.84 11.25 1.59
CA THR A 275 22.32 9.88 1.44
C THR A 275 21.12 8.95 1.33
N TYR A 276 21.16 8.07 0.34
CA TYR A 276 20.12 7.04 0.16
C TYR A 276 20.70 5.77 -0.47
N CYS A 277 19.86 4.73 -0.55
CA CYS A 277 20.18 3.45 -1.20
C CYS A 277 19.83 3.39 -2.68
N VAL A 278 20.72 2.79 -3.48
CA VAL A 278 20.51 2.66 -4.92
C VAL A 278 19.20 1.94 -5.28
N ASP A 279 18.73 1.07 -4.39
CA ASP A 279 17.55 0.26 -4.68
C ASP A 279 16.20 1.03 -4.68
N ASN A 280 16.18 2.25 -4.16
CA ASN A 280 14.93 3.03 -4.12
C ASN A 280 14.63 3.71 -5.44
N CYS A 281 13.77 3.06 -6.24
N CYS A 281 13.77 3.06 -6.24
CA CYS A 281 13.39 3.52 -7.56
CA CYS A 281 13.39 3.52 -7.56
CA CYS A 281 13.54 3.44 -8.67
C CYS A 281 12.66 4.89 -7.57
C CYS A 281 12.66 4.89 -7.57
N LEU A 282 12.01 5.23 -6.46
CA LEU A 282 11.24 6.49 -6.37
C LEU A 282 12.00 7.63 -5.67
N VAL A 283 13.29 7.42 -5.39
CA VAL A 283 14.07 8.37 -4.61
C VAL A 283 14.07 9.81 -5.16
N LYS A 284 13.56 10.75 -4.35
CA LYS A 284 13.72 12.18 -4.65
C LYS A 284 15.17 12.55 -4.31
N VAL A 285 16.06 12.48 -5.30
CA VAL A 285 17.48 12.75 -5.06
C VAL A 285 17.65 14.22 -4.71
N ALA A 286 18.32 14.45 -3.59
CA ALA A 286 18.63 15.78 -3.04
C ALA A 286 17.37 16.63 -2.81
N ASP A 287 16.32 15.97 -2.34
CA ASP A 287 15.03 16.58 -2.10
C ASP A 287 15.15 17.92 -1.34
N PRO A 288 14.81 19.05 -2.00
CA PRO A 288 14.95 20.37 -1.37
C PRO A 288 14.13 20.52 -0.09
N VAL A 289 12.96 19.88 -0.05
CA VAL A 289 12.13 19.89 1.15
C VAL A 289 12.90 19.30 2.33
N PHE A 290 13.59 18.17 2.09
CA PHE A 290 14.36 17.46 3.11
C PHE A 290 15.57 18.28 3.58
N ILE A 291 16.34 18.80 2.61
CA ILE A 291 17.45 19.69 2.91
C ILE A 291 17.01 20.95 3.67
N GLY A 292 15.90 21.55 3.24
CA GLY A 292 15.40 22.79 3.83
C GLY A 292 14.85 22.55 5.22
N PHE A 293 14.13 21.44 5.37
CA PHE A 293 13.68 20.98 6.68
C PHE A 293 14.86 20.77 7.64
N ALA A 294 15.84 19.96 7.22
CA ALA A 294 16.96 19.62 8.09
C ALA A 294 17.79 20.85 8.44
N ALA A 295 18.03 21.71 7.45
CA ALA A 295 18.87 22.88 7.64
C ALA A 295 18.26 23.85 8.63
N SER A 296 16.93 23.98 8.59
CA SER A 296 16.22 24.90 9.49
C SER A 296 16.13 24.39 10.93
N LYS A 297 16.24 23.07 11.12
CA LYS A 297 16.31 22.51 12.47
C LYS A 297 17.77 22.51 12.96
N GLN A 298 18.70 22.89 12.08
CA GLN A 298 20.13 22.95 12.40
C GLN A 298 20.63 21.63 13.01
N VAL A 299 20.05 20.53 12.54
CA VAL A 299 20.43 19.20 13.03
C VAL A 299 21.65 18.68 12.29
N ASP A 300 22.25 17.63 12.84
CA ASP A 300 23.40 16.98 12.24
C ASP A 300 22.97 15.77 11.43
N ILE A 301 21.84 15.17 11.84
CA ILE A 301 21.27 14.04 11.13
C ILE A 301 19.75 14.23 11.01
N ALA A 302 19.22 14.11 9.80
CA ALA A 302 17.78 13.93 9.62
C ALA A 302 17.54 12.65 8.86
N THR A 303 16.30 12.18 8.91
CA THR A 303 15.88 10.95 8.25
C THR A 303 14.47 11.08 7.65
N LYS A 304 14.21 10.28 6.61
CA LYS A 304 12.88 10.14 6.06
C LYS A 304 12.27 8.82 6.49
N VAL A 305 10.98 8.89 6.81
CA VAL A 305 10.17 7.71 7.06
C VAL A 305 8.90 7.79 6.21
N VAL A 306 8.32 6.63 5.89
CA VAL A 306 6.95 6.56 5.41
C VAL A 306 6.01 6.12 6.55
N ARG A 307 4.71 6.23 6.35
CA ARG A 307 3.74 5.86 7.37
C ARG A 307 3.53 4.34 7.48
N LYS A 308 3.60 3.84 8.72
CA LYS A 308 3.07 2.51 9.03
C LYS A 308 1.58 2.67 9.32
N ARG A 309 0.75 2.02 8.51
CA ARG A 309 -0.69 2.19 8.61
C ARG A 309 -1.38 1.06 9.36
N ASN A 310 -0.81 -0.13 9.27
CA ASN A 310 -1.35 -1.26 10.01
C ASN A 310 -0.32 -1.75 11.01
N ALA A 311 -0.78 -2.01 12.22
CA ALA A 311 0.05 -2.45 13.35
C ALA A 311 0.85 -3.74 13.06
N THR A 312 0.36 -4.52 12.10
CA THR A 312 0.99 -5.80 11.76
C THR A 312 2.06 -5.70 10.66
N GLU A 313 2.26 -4.51 10.07
CA GLU A 313 3.37 -4.32 9.11
C GLU A 313 4.72 -4.61 9.73
N SER A 314 5.53 -5.37 9.00
CA SER A 314 6.84 -5.81 9.44
C SER A 314 7.89 -4.82 9.00
N VAL A 315 7.90 -3.69 9.69
CA VAL A 315 8.75 -2.57 9.33
C VAL A 315 9.56 -2.08 10.52
N GLY A 316 10.85 -1.85 10.28
CA GLY A 316 11.72 -1.14 11.20
C GLY A 316 11.26 0.29 11.39
N LEU A 317 11.38 0.77 12.62
CA LEU A 317 10.82 2.06 12.99
C LEU A 317 11.88 2.96 13.60
N ILE A 318 11.84 4.24 13.23
CA ILE A 318 12.66 5.27 13.84
C ILE A 318 11.90 5.80 15.05
N LEU A 319 12.61 5.94 16.18
CA LEU A 319 12.02 6.33 17.47
C LEU A 319 13.12 6.57 18.49
N GLN A 320 12.72 6.93 19.71
CA GLN A 320 13.69 6.87 20.80
C GLN A 320 13.62 5.53 21.51
N LYS A 321 14.79 4.89 21.58
CA LYS A 321 14.97 3.68 22.34
C LYS A 321 15.87 4.09 23.49
N ASN A 322 15.33 3.99 24.69
CA ASN A 322 16.02 4.44 25.92
C ASN A 322 16.45 5.92 25.85
N GLY A 323 15.51 6.78 25.44
CA GLY A 323 15.75 8.22 25.30
C GLY A 323 16.79 8.61 24.26
N LYS A 324 16.87 7.81 23.18
CA LYS A 324 17.91 7.99 22.17
C LYS A 324 17.39 7.68 20.76
N PRO A 325 17.76 8.52 19.76
CA PRO A 325 17.27 8.30 18.41
C PRO A 325 17.83 6.98 17.91
N ASP A 326 16.97 6.07 17.46
CA ASP A 326 17.42 4.75 17.01
C ASP A 326 16.51 4.20 15.91
N VAL A 327 16.95 3.11 15.30
CA VAL A 327 16.10 2.30 14.45
C VAL A 327 15.95 0.93 15.11
N VAL A 328 14.72 0.54 15.38
CA VAL A 328 14.43 -0.70 16.06
C VAL A 328 13.71 -1.62 15.09
N GLU A 329 14.12 -2.89 15.07
CA GLU A 329 13.51 -3.93 14.22
C GLU A 329 12.08 -4.20 14.64
N TYR A 330 11.26 -4.63 13.68
CA TYR A 330 9.84 -4.90 13.96
C TYR A 330 9.62 -6.03 14.96
N SER A 331 10.52 -7.00 14.98
CA SER A 331 10.45 -8.12 15.92
C SER A 331 10.56 -7.68 17.39
N GLU A 332 11.18 -6.53 17.63
CA GLU A 332 11.42 -6.00 18.97
C GLU A 332 10.31 -5.08 19.46
N ILE A 333 9.20 -5.06 18.73
CA ILE A 333 8.03 -4.24 19.04
C ILE A 333 6.90 -5.19 19.48
N ASP A 334 6.49 -5.12 20.74
CA ASP A 334 5.45 -6.02 21.24
C ASP A 334 4.07 -5.70 20.63
N LYS A 335 3.12 -6.62 20.79
CA LYS A 335 1.76 -6.44 20.27
C LYS A 335 1.12 -5.12 20.72
N GLU A 336 1.23 -4.77 22.00
CA GLU A 336 0.62 -3.55 22.54
C GLU A 336 1.27 -2.26 22.00
N THR A 337 2.59 -2.26 21.89
CA THR A 337 3.32 -1.11 21.38
C THR A 337 2.94 -0.87 19.91
N ALA A 338 2.97 -1.94 19.11
CA ALA A 338 2.65 -1.88 17.69
C ALA A 338 1.21 -1.39 17.46
N GLU A 339 0.30 -1.78 18.35
CA GLU A 339 -1.13 -1.46 18.23
C GLU A 339 -1.54 -0.06 18.75
N ALA A 340 -0.69 0.55 19.57
CA ALA A 340 -1.04 1.81 20.24
C ALA A 340 -1.38 2.96 19.28
N LYS A 341 -2.49 3.64 19.56
CA LYS A 341 -2.91 4.80 18.78
C LYS A 341 -2.31 6.07 19.34
N ASP A 342 -1.99 7.01 18.46
CA ASP A 342 -1.42 8.30 18.84
C ASP A 342 -2.46 9.09 19.62
N PRO A 343 -2.14 9.49 20.88
CA PRO A 343 -3.08 10.24 21.72
C PRO A 343 -3.49 11.59 21.12
N LYS A 344 -2.54 12.29 20.49
CA LYS A 344 -2.77 13.57 19.80
C LYS A 344 -3.47 13.41 18.44
N GLN A 345 -3.63 12.16 17.99
CA GLN A 345 -4.12 11.88 16.64
C GLN A 345 -4.60 10.43 16.59
N PRO A 346 -5.76 10.14 17.22
CA PRO A 346 -6.22 8.77 17.45
C PRO A 346 -6.46 7.90 16.21
N ASP A 347 -6.56 8.50 15.02
CA ASP A 347 -6.81 7.71 13.80
C ASP A 347 -5.54 7.07 13.22
N VAL A 348 -4.37 7.47 13.73
CA VAL A 348 -3.09 6.93 13.28
C VAL A 348 -2.30 6.28 14.41
N LEU A 349 -1.35 5.41 14.07
CA LEU A 349 -0.55 4.72 15.08
C LEU A 349 0.45 5.66 15.75
N LYS A 350 0.74 5.37 17.03
CA LYS A 350 1.72 6.10 17.83
C LYS A 350 3.14 5.86 17.33
N PHE A 351 3.41 4.59 16.99
CA PHE A 351 4.67 4.19 16.40
C PHE A 351 4.43 3.87 14.93
N ARG A 352 4.68 4.85 14.08
CA ARG A 352 4.30 4.77 12.67
C ARG A 352 5.43 5.20 11.73
N ALA A 353 6.59 5.51 12.30
CA ALA A 353 7.73 6.08 11.54
C ALA A 353 8.57 5.01 10.87
N ALA A 354 8.09 4.51 9.73
CA ALA A 354 8.72 3.38 9.05
C ALA A 354 9.96 3.80 8.27
N ASN A 355 11.09 3.27 8.71
CA ASN A 355 12.39 3.63 8.19
C ASN A 355 12.58 3.26 6.73
N ILE A 356 13.03 4.25 5.94
CA ILE A 356 13.32 4.01 4.52
C ILE A 356 14.80 4.24 4.13
N VAL A 357 15.68 4.30 5.14
CA VAL A 357 17.13 4.42 4.94
C VAL A 357 17.46 5.60 4.02
N ASN A 358 17.01 6.78 4.42
CA ASN A 358 17.13 7.98 3.62
C ASN A 358 17.52 9.12 4.54
N HIS A 359 18.75 9.60 4.41
CA HIS A 359 19.32 10.49 5.44
C HIS A 359 19.89 11.81 4.93
N TYR A 360 19.86 12.79 5.83
CA TYR A 360 20.57 14.04 5.69
C TYR A 360 21.67 14.09 6.75
N TYR A 361 22.84 14.59 6.37
CA TYR A 361 23.93 14.93 7.30
C TYR A 361 24.46 16.33 7.01
N SER A 362 24.76 17.08 8.07
CA SER A 362 25.51 18.31 7.93
C SER A 362 26.96 17.93 7.69
N PHE A 363 27.71 18.85 7.08
CA PHE A 363 29.15 18.65 6.87
C PHE A 363 29.88 18.65 8.21
N LYS A 364 29.42 19.48 9.15
CA LYS A 364 29.90 19.49 10.54
C LYS A 364 29.92 18.10 11.13
N PHE A 365 28.84 17.34 10.90
CA PHE A 365 28.75 15.96 11.34
C PHE A 365 29.84 15.07 10.73
N PHE A 366 30.19 15.30 9.47
CA PHE A 366 31.21 14.50 8.81
C PHE A 366 32.62 14.77 9.34
N GLU A 367 32.82 15.96 9.87
CA GLU A 367 34.11 16.33 10.47
C GLU A 367 34.31 15.68 11.83
N SER A 368 33.23 15.13 12.39
CA SER A 368 33.29 14.46 13.68
C SER A 368 33.52 12.95 13.58
N ILE A 369 33.61 12.42 12.35
CA ILE A 369 33.66 10.97 12.14
C ILE A 369 34.75 10.28 12.95
N GLU A 370 35.93 10.91 13.04
CA GLU A 370 37.08 10.29 13.74
C GLU A 370 36.79 10.01 15.22
N LEU A 371 35.95 10.85 15.83
CA LEU A 371 35.68 10.76 17.25
C LEU A 371 34.83 9.55 17.63
N TRP A 372 34.25 8.87 16.63
CA TRP A 372 33.29 7.80 16.90
C TRP A 372 33.24 6.66 15.85
N ALA A 373 33.98 6.78 14.77
CA ALA A 373 33.94 5.77 13.71
C ALA A 373 34.28 4.38 14.27
N HIS A 374 35.15 4.36 15.27
CA HIS A 374 35.62 3.14 15.94
C HIS A 374 34.59 2.60 16.93
N LYS A 375 33.64 3.44 17.30
CA LYS A 375 32.54 3.03 18.20
C LYS A 375 31.40 2.27 17.48
N LEU A 376 31.50 2.09 16.16
CA LEU A 376 30.46 1.37 15.40
C LEU A 376 30.79 -0.12 15.27
N PRO A 377 29.91 -0.98 15.82
CA PRO A 377 30.15 -2.42 15.87
C PRO A 377 29.86 -3.13 14.56
N HIS A 378 30.57 -4.23 14.33
CA HIS A 378 30.28 -5.08 13.19
C HIS A 378 29.31 -6.13 13.65
N HIS A 379 28.15 -6.15 12.99
CA HIS A 379 27.11 -7.13 13.29
C HIS A 379 27.30 -8.43 12.50
N VAL A 380 26.70 -9.49 13.04
CA VAL A 380 26.73 -10.82 12.45
C VAL A 380 25.56 -10.95 11.46
N ALA A 381 25.88 -10.99 10.17
CA ALA A 381 24.87 -11.29 9.15
C ALA A 381 25.07 -12.70 8.63
N ARG A 382 24.19 -13.60 9.05
CA ARG A 382 24.25 -14.98 8.63
C ARG A 382 23.60 -15.14 7.27
N LYS A 383 24.44 -15.28 6.24
CA LYS A 383 23.99 -15.36 4.86
C LYS A 383 24.49 -16.66 4.22
N LYS A 384 24.03 -16.97 3.02
CA LYS A 384 24.54 -18.12 2.26
C LYS A 384 25.74 -17.66 1.43
N ILE A 385 26.92 -18.17 1.77
CA ILE A 385 28.15 -17.81 1.06
C ILE A 385 28.76 -19.04 0.39
N CYS A 387 30.86 -21.06 -1.48
CA CYS A 387 32.30 -21.08 -1.22
C CYS A 387 32.90 -22.50 -1.25
N ILE A 388 34.18 -22.62 -0.89
CA ILE A 388 34.91 -23.89 -0.90
C ILE A 388 35.32 -24.30 0.51
N PRO A 401 22.16 -20.68 4.59
CA PRO A 401 23.18 -19.86 5.25
C PRO A 401 24.28 -20.70 5.88
N ASN A 402 25.49 -20.57 5.33
CA ASN A 402 26.69 -21.27 5.84
C ASN A 402 27.67 -20.36 6.56
N GLY A 403 27.67 -19.08 6.20
CA GLY A 403 28.68 -18.16 6.71
C GLY A 403 28.17 -16.92 7.40
N ILE A 404 29.10 -16.03 7.72
CA ILE A 404 28.80 -14.76 8.32
C ILE A 404 29.45 -13.64 7.51
N LYS A 405 28.69 -12.58 7.28
CA LYS A 405 29.22 -11.30 6.82
C LYS A 405 29.19 -10.35 8.03
N LEU A 406 30.30 -9.66 8.26
CA LEU A 406 30.39 -8.74 9.38
C LEU A 406 30.11 -7.34 8.86
N GLU A 407 29.06 -6.73 9.39
CA GLU A 407 28.51 -5.51 8.82
C GLU A 407 28.31 -4.41 9.84
N GLN A 408 28.67 -3.19 9.45
CA GLN A 408 28.34 -2.01 10.22
C GLN A 408 27.00 -1.49 9.74
N PHE A 409 26.22 -0.96 10.69
CA PHE A 409 24.91 -0.37 10.41
C PHE A 409 24.96 1.16 10.38
N VAL A 410 24.43 1.73 9.31
CA VAL A 410 24.43 3.19 9.07
C VAL A 410 23.73 3.99 10.17
N PHE A 411 22.74 3.37 10.80
CA PHE A 411 21.94 4.00 11.83
C PHE A 411 22.51 3.84 13.24
N ASP A 412 23.64 3.15 13.37
CA ASP A 412 24.23 2.91 14.69
C ASP A 412 24.84 4.17 15.30
N VAL A 413 25.06 5.18 14.45
CA VAL A 413 25.47 6.49 14.93
C VAL A 413 24.30 7.28 15.56
N PHE A 414 23.04 6.87 15.33
CA PHE A 414 21.89 7.66 15.79
C PHE A 414 21.81 7.78 17.31
N PRO A 415 21.89 6.64 18.04
CA PRO A 415 21.84 6.78 19.51
C PRO A 415 23.05 7.54 20.10
N MET A 416 24.15 7.61 19.35
CA MET A 416 25.31 8.40 19.75
C MET A 416 25.09 9.90 19.54
N THR A 417 24.00 10.24 18.86
CA THR A 417 23.69 11.62 18.47
C THR A 417 22.68 12.26 19.41
N PRO A 418 23.01 13.46 19.94
CA PRO A 418 22.06 14.15 20.83
C PRO A 418 20.70 14.25 20.16
N LEU A 419 19.64 13.95 20.92
CA LEU A 419 18.27 14.03 20.45
C LEU A 419 17.93 15.39 19.82
N GLU A 420 18.60 16.44 20.29
CA GLU A 420 18.38 17.79 19.79
C GLU A 420 19.01 17.99 18.41
N LYS A 421 19.94 17.10 18.05
CA LYS A 421 20.62 17.14 16.76
C LYS A 421 20.04 16.15 15.72
N PHE A 422 18.88 15.58 16.05
CA PHE A 422 18.23 14.59 15.22
C PHE A 422 16.87 15.06 14.73
N ALA A 423 16.60 14.85 13.45
CA ALA A 423 15.29 15.18 12.88
C ALA A 423 14.72 14.01 12.08
N CYS A 424 13.41 14.06 11.84
CA CYS A 424 12.70 13.01 11.08
C CYS A 424 11.49 13.58 10.36
N ILE A 425 11.43 13.38 9.04
CA ILE A 425 10.25 13.74 8.25
C ILE A 425 9.54 12.54 7.61
N GLU A 426 8.22 12.47 7.83
CA GLU A 426 7.32 11.50 7.19
C GLU A 426 6.91 11.96 5.79
N VAL A 427 7.05 11.06 4.82
CA VAL A 427 6.84 11.35 3.41
C VAL A 427 5.81 10.40 2.79
N ARG A 428 5.36 10.69 1.58
CA ARG A 428 4.39 9.81 0.94
C ARG A 428 5.10 8.66 0.24
N ARG A 429 4.80 7.43 0.66
CA ARG A 429 5.43 6.26 0.08
C ARG A 429 5.33 6.28 -1.45
N GLU A 430 4.12 6.56 -1.96
CA GLU A 430 3.82 6.44 -3.39
C GLU A 430 4.53 7.51 -4.25
N ASP A 431 5.16 8.47 -3.59
CA ASP A 431 6.00 9.45 -4.26
C ASP A 431 7.49 9.26 -3.96
N GLU A 432 7.81 8.41 -2.97
CA GLU A 432 9.16 8.45 -2.38
C GLU A 432 9.89 7.15 -2.10
N PHE A 433 9.18 6.04 -2.07
CA PHE A 433 9.80 4.80 -1.63
C PHE A 433 9.29 3.57 -2.37
N SER A 434 10.17 3.01 -3.20
CA SER A 434 9.83 1.81 -3.94
C SER A 434 11.08 0.97 -4.13
N PRO A 435 11.40 0.11 -3.14
CA PRO A 435 12.63 -0.65 -3.15
C PRO A 435 12.61 -1.85 -4.09
N LEU A 436 13.71 -2.02 -4.82
CA LEU A 436 13.93 -3.22 -5.62
C LEU A 436 14.78 -4.18 -4.78
N LYS A 437 14.12 -5.23 -4.30
CA LYS A 437 14.72 -6.11 -3.32
C LYS A 437 14.66 -7.60 -3.68
N ASN A 438 13.65 -7.97 -4.46
CA ASN A 438 13.38 -9.36 -4.80
C ASN A 438 13.24 -9.56 -6.31
N ALA A 439 13.42 -10.78 -6.78
CA ALA A 439 13.21 -11.08 -8.20
C ALA A 439 11.71 -11.07 -8.52
N ARG A 440 11.38 -10.88 -9.79
CA ARG A 440 10.00 -10.97 -10.27
C ARG A 440 9.35 -12.24 -9.75
N GLY A 441 8.05 -12.15 -9.45
CA GLY A 441 7.27 -13.28 -8.97
C GLY A 441 7.10 -13.35 -7.45
N THR A 442 7.69 -12.39 -6.73
CA THR A 442 7.55 -12.37 -5.27
C THR A 442 6.27 -11.63 -4.85
N GLY A 443 5.87 -10.64 -5.66
CA GLY A 443 4.69 -9.82 -5.37
C GLY A 443 4.97 -8.59 -4.52
N GLU A 444 6.21 -8.49 -4.03
CA GLU A 444 6.62 -7.46 -3.07
C GLU A 444 8.03 -6.97 -3.41
N ASP A 445 8.26 -5.66 -3.33
CA ASP A 445 9.59 -5.05 -3.50
C ASP A 445 10.42 -5.65 -4.64
N ASP A 446 9.88 -5.58 -5.86
CA ASP A 446 10.47 -6.29 -6.99
C ASP A 446 10.37 -5.44 -8.26
N PRO A 447 10.83 -5.97 -9.41
CA PRO A 447 10.75 -5.16 -10.63
C PRO A 447 9.35 -4.62 -10.96
N ASP A 448 8.32 -5.43 -10.72
CA ASP A 448 6.95 -5.07 -11.08
C ASP A 448 6.31 -4.05 -10.15
N THR A 449 6.54 -4.19 -8.84
CA THR A 449 6.05 -3.19 -7.88
C THR A 449 6.72 -1.86 -8.13
N SER A 450 8.00 -1.92 -8.49
CA SER A 450 8.82 -0.74 -8.78
C SER A 450 8.33 0.01 -10.01
N LYS A 451 8.13 -0.74 -11.09
CA LYS A 451 7.57 -0.23 -12.35
C LYS A 451 6.18 0.39 -12.17
N ARG A 452 5.31 -0.37 -11.52
CA ARG A 452 3.99 0.08 -11.12
C ARG A 452 4.05 1.44 -10.42
N ASP A 453 4.92 1.53 -9.41
CA ASP A 453 5.08 2.73 -8.60
C ASP A 453 5.51 3.95 -9.39
N ILE A 454 6.46 3.77 -10.30
CA ILE A 454 6.91 4.87 -11.17
C ILE A 454 5.83 5.23 -12.20
N MET A 455 5.20 4.23 -12.80
CA MET A 455 4.24 4.48 -13.86
C MET A 455 2.88 4.96 -13.39
N SER A 456 2.50 4.60 -12.17
CA SER A 456 1.27 5.15 -11.65
C SER A 456 1.51 6.57 -11.11
N GLN A 457 2.73 6.87 -10.67
CA GLN A 457 3.09 8.24 -10.29
C GLN A 457 3.00 9.16 -11.51
N GLY A 458 3.64 8.75 -12.60
CA GLY A 458 3.62 9.47 -13.87
C GLY A 458 2.23 9.83 -14.32
N GLN A 459 1.34 8.83 -14.37
CA GLN A 459 -0.06 9.06 -14.73
C GLN A 459 -0.75 10.08 -13.82
N ARG A 460 -0.64 9.86 -12.51
CA ARG A 460 -1.23 10.75 -11.52
C ARG A 460 -0.76 12.19 -11.70
N TRP A 461 0.56 12.39 -11.80
CA TRP A 461 1.16 13.70 -12.13
C TRP A 461 0.52 14.41 -13.35
N ILE A 462 0.36 13.63 -14.43
CA ILE A 462 -0.23 14.09 -15.68
C ILE A 462 -1.70 14.47 -15.49
N GLU A 463 -2.45 13.59 -14.82
CA GLU A 463 -3.86 13.84 -14.50
C GLU A 463 -4.10 15.08 -13.65
N LYS A 464 -3.20 15.35 -12.70
CA LYS A 464 -3.28 16.56 -11.88
C LYS A 464 -3.03 17.83 -12.68
N ALA A 465 -2.23 17.70 -13.74
CA ALA A 465 -1.89 18.81 -14.62
C ALA A 465 -2.91 19.04 -15.75
N GLY A 466 -3.98 18.26 -15.77
CA GLY A 466 -5.03 18.44 -16.76
C GLY A 466 -4.88 17.53 -17.96
N GLY A 467 -3.99 16.54 -17.86
CA GLY A 467 -3.79 15.58 -18.93
C GLY A 467 -4.83 14.47 -18.94
N ILE A 468 -5.19 14.02 -20.15
CA ILE A 468 -6.18 12.97 -20.32
C ILE A 468 -5.48 11.67 -20.73
N VAL A 469 -5.24 10.81 -19.73
CA VAL A 469 -4.61 9.52 -19.94
C VAL A 469 -5.68 8.46 -20.20
N ILE A 470 -5.59 7.83 -21.38
CA ILE A 470 -6.52 6.79 -21.80
C ILE A 470 -5.83 5.44 -21.76
N THR A 471 -6.40 4.52 -20.99
CA THR A 471 -5.87 3.18 -20.83
C THR A 471 -6.89 2.21 -21.41
N GLU A 472 -6.75 1.92 -22.70
CA GLU A 472 -7.55 0.87 -23.33
C GLU A 472 -6.88 -0.49 -23.08
N GLY A 473 -5.63 -0.44 -22.61
CA GLY A 473 -4.86 -1.64 -22.29
C GLY A 473 -5.39 -2.35 -21.05
N VAL A 476 -2.02 0.26 -16.37
CA VAL A 476 -0.64 0.15 -16.87
C VAL A 476 0.25 1.39 -16.62
N GLY A 477 -0.32 2.59 -16.70
CA GLY A 477 0.37 3.83 -16.29
C GLY A 477 1.22 4.56 -17.34
N VAL A 478 1.90 5.62 -16.92
CA VAL A 478 2.73 6.44 -17.82
C VAL A 478 4.08 6.81 -17.19
N GLU A 479 5.17 6.52 -17.92
CA GLU A 479 6.50 6.89 -17.47
C GLU A 479 6.82 8.33 -17.81
N VAL A 480 7.07 9.13 -16.78
CA VAL A 480 7.47 10.53 -16.94
C VAL A 480 8.96 10.67 -16.64
N SER A 481 9.72 11.01 -17.67
CA SER A 481 11.15 11.27 -17.56
C SER A 481 11.47 12.37 -16.54
N PRO A 482 12.43 12.10 -15.62
CA PRO A 482 12.83 13.19 -14.72
C PRO A 482 13.30 14.43 -15.48
N LEU A 483 13.77 14.26 -16.70
CA LEU A 483 14.21 15.40 -17.52
C LEU A 483 13.03 16.30 -17.91
N ILE A 484 11.81 15.75 -17.76
CA ILE A 484 10.57 16.49 -17.98
C ILE A 484 10.04 16.98 -16.65
N SER A 485 9.97 16.09 -15.65
CA SER A 485 9.41 16.45 -14.35
C SER A 485 10.14 15.75 -13.22
N TYR A 486 10.75 16.54 -12.35
CA TYR A 486 11.41 16.04 -11.15
C TYR A 486 10.36 15.54 -10.15
N GLY A 487 9.35 16.37 -9.91
CA GLY A 487 8.41 16.15 -8.81
C GLY A 487 6.94 16.38 -9.14
N GLY A 488 6.62 16.45 -10.44
CA GLY A 488 5.24 16.61 -10.91
C GLY A 488 4.94 17.99 -11.44
N GLU A 489 5.96 18.86 -11.46
CA GLU A 489 5.87 20.21 -12.02
C GLU A 489 6.22 20.21 -13.50
N GLY A 490 5.93 21.32 -14.19
CA GLY A 490 6.36 21.50 -15.57
C GLY A 490 5.61 20.63 -16.56
N LEU A 491 4.42 20.16 -16.16
CA LEU A 491 3.57 19.35 -17.03
C LEU A 491 2.35 20.11 -17.59
N GLU A 492 2.31 21.43 -17.35
CA GLU A 492 1.21 22.26 -17.87
C GLU A 492 0.99 22.12 -19.38
N PHE A 493 2.05 21.77 -20.11
CA PHE A 493 1.95 21.62 -21.56
C PHE A 493 1.11 20.40 -21.99
N LEU A 494 0.81 19.51 -21.04
CA LEU A 494 0.03 18.30 -21.30
C LEU A 494 -1.47 18.47 -21.02
N LYS A 495 -1.85 19.63 -20.50
CA LYS A 495 -3.25 19.95 -20.22
C LYS A 495 -4.11 19.84 -21.49
N GLY A 496 -5.16 19.02 -21.43
CA GLY A 496 -6.03 18.80 -22.57
C GLY A 496 -5.60 17.72 -23.55
N ARG A 497 -4.37 17.24 -23.43
CA ARG A 497 -3.84 16.24 -24.37
C ARG A 497 -4.24 14.83 -23.99
N GLU A 498 -4.55 14.03 -25.00
CA GLU A 498 -4.78 12.61 -24.83
C GLU A 498 -3.45 11.87 -24.93
N ILE A 499 -3.11 11.17 -23.85
CA ILE A 499 -1.99 10.24 -23.82
C ILE A 499 -2.58 8.83 -23.77
N LYS A 500 -2.17 7.96 -24.69
CA LYS A 500 -2.58 6.57 -24.66
C LYS A 500 -1.57 5.73 -23.90
N ALA A 501 -1.99 5.19 -22.76
CA ALA A 501 -1.14 4.34 -21.91
C ALA A 501 -1.07 2.87 -22.38
N PRO A 502 0.06 2.18 -22.15
CA PRO A 502 1.29 2.67 -21.48
C PRO A 502 2.05 3.65 -22.37
N ALA A 503 2.67 4.65 -21.76
CA ALA A 503 3.38 5.66 -22.54
C ALA A 503 4.63 6.17 -21.84
N PHE A 504 5.47 6.86 -22.61
CA PHE A 504 6.74 7.40 -22.14
C PHE A 504 6.86 8.87 -22.55
N ILE A 505 6.80 9.76 -21.56
CA ILE A 505 6.97 11.20 -21.79
C ILE A 505 8.44 11.60 -21.57
N GLU A 506 9.10 11.97 -22.66
CA GLU A 506 10.54 12.29 -22.64
C GLU A 506 10.85 13.64 -23.28
N LYS A 507 12.01 14.20 -22.92
CA LYS A 507 12.52 15.43 -23.51
C LYS A 507 12.76 15.30 -25.02
N PRO B 27 9.59 -11.96 21.04
CA PRO B 27 8.60 -12.95 21.52
C PRO B 27 9.31 -14.09 22.24
N SER B 28 8.98 -14.31 23.51
CA SER B 28 9.70 -15.25 24.35
C SER B 28 9.47 -16.71 23.94
N ALA B 29 10.47 -17.55 24.23
CA ALA B 29 10.41 -18.98 23.93
C ALA B 29 9.27 -19.68 24.67
N GLU B 30 8.91 -19.17 25.84
CA GLU B 30 7.80 -19.72 26.61
C GLU B 30 6.45 -19.41 25.98
N GLU B 31 6.26 -18.18 25.53
CA GLU B 31 5.04 -17.78 24.82
C GLU B 31 4.94 -18.47 23.47
N PHE B 32 6.07 -18.63 22.79
CA PHE B 32 6.13 -19.34 21.52
C PHE B 32 5.72 -20.81 21.67
N GLN B 33 6.18 -21.45 22.75
CA GLN B 33 5.85 -22.85 23.02
C GLN B 33 4.42 -23.05 23.51
N GLN B 34 3.88 -22.03 24.18
CA GLN B 34 2.48 -22.06 24.57
C GLN B 34 1.55 -22.12 23.35
N LEU B 35 1.79 -21.21 22.40
CA LEU B 35 1.06 -21.15 21.12
C LEU B 35 1.25 -22.42 20.29
N ARG B 36 2.48 -22.92 20.23
CA ARG B 36 2.77 -24.18 19.53
C ARG B 36 2.01 -25.36 20.15
N LYS B 37 1.83 -25.33 21.47
CA LYS B 37 1.04 -26.36 22.14
C LYS B 37 -0.43 -26.30 21.75
N LYS B 38 -1.01 -25.09 21.76
CA LYS B 38 -2.41 -24.89 21.41
C LYS B 38 -2.71 -25.41 19.99
N TYR B 39 -1.88 -25.01 19.04
CA TYR B 39 -2.03 -25.39 17.63
C TYR B 39 -1.82 -26.89 17.39
N THR B 40 -0.76 -27.41 18.01
CA THR B 40 -0.42 -28.82 17.89
C THR B 40 -1.54 -29.71 18.43
N ASP B 41 -2.03 -29.39 19.64
CA ASP B 41 -3.15 -30.12 20.25
C ASP B 41 -4.40 -30.04 19.38
N ALA B 42 -4.56 -28.91 18.72
CA ALA B 42 -5.67 -28.66 17.78
C ALA B 42 -5.55 -29.43 16.44
N GLY B 43 -4.40 -30.01 16.16
CA GLY B 43 -4.17 -30.75 14.92
C GLY B 43 -3.63 -29.86 13.82
N GLN B 44 -3.14 -28.69 14.21
CA GLN B 44 -2.71 -27.63 13.29
C GLN B 44 -1.22 -27.31 13.52
N GLY B 45 -0.47 -28.30 14.00
CA GLY B 45 0.95 -28.14 14.33
C GLY B 45 1.82 -27.85 13.12
N HIS B 46 1.37 -28.31 11.96
CA HIS B 46 2.07 -28.13 10.68
C HIS B 46 2.39 -26.68 10.33
N VAL B 47 1.72 -25.72 10.98
CA VAL B 47 2.00 -24.30 10.75
C VAL B 47 3.36 -23.88 11.33
N PHE B 48 3.90 -24.70 12.24
CA PHE B 48 5.23 -24.49 12.82
C PHE B 48 6.31 -25.34 12.12
N ALA B 49 5.92 -26.05 11.07
CA ALA B 49 6.82 -26.99 10.39
C ALA B 49 8.22 -26.45 10.01
N PHE B 50 8.36 -25.13 9.90
CA PHE B 50 9.57 -24.52 9.34
C PHE B 50 10.23 -23.48 10.23
N VAL B 51 9.83 -23.45 11.49
CA VAL B 51 10.37 -22.52 12.49
C VAL B 51 11.91 -22.51 12.55
N ASP B 52 12.51 -23.70 12.55
CA ASP B 52 13.97 -23.86 12.62
C ASP B 52 14.76 -23.09 11.56
N GLU B 53 14.20 -22.93 10.37
CA GLU B 53 14.89 -22.21 9.28
C GLU B 53 14.49 -20.74 9.12
N LEU B 54 13.65 -20.24 10.03
CA LEU B 54 13.16 -18.86 9.96
C LEU B 54 14.10 -17.85 10.61
N GLN B 55 14.19 -16.67 10.01
CA GLN B 55 14.89 -15.57 10.66
C GLN B 55 14.06 -15.05 11.84
N THR B 56 14.70 -14.29 12.72
CA THR B 56 14.07 -13.80 13.95
C THR B 56 12.79 -12.99 13.68
N GLY B 57 12.81 -12.17 12.63
CA GLY B 57 11.65 -11.38 12.25
C GLY B 57 10.55 -12.24 11.64
N GLU B 58 10.95 -13.15 10.76
CA GLU B 58 10.02 -14.12 10.18
C GLU B 58 9.29 -14.91 11.27
N ARG B 59 10.06 -15.39 12.26
CA ARG B 59 9.51 -16.05 13.43
C ARG B 59 8.51 -15.14 14.16
N SER B 60 8.89 -13.88 14.39
CA SER B 60 8.05 -12.90 15.06
C SER B 60 6.69 -12.69 14.35
N GLN B 61 6.74 -12.38 13.06
CA GLN B 61 5.53 -12.26 12.22
C GLN B 61 4.60 -13.44 12.36
N LEU B 62 5.16 -14.65 12.26
CA LEU B 62 4.39 -15.89 12.35
C LEU B 62 3.71 -16.05 13.71
N PHE B 63 4.45 -15.78 14.80
CA PHE B 63 3.89 -15.80 16.16
C PHE B 63 2.65 -14.92 16.33
N HIS B 64 2.71 -13.69 15.81
CA HIS B 64 1.62 -12.73 16.02
C HIS B 64 0.41 -13.07 15.16
N GLN B 65 0.67 -13.46 13.91
CA GLN B 65 -0.40 -13.90 13.04
C GLN B 65 -1.15 -15.08 13.67
N LEU B 66 -0.43 -16.14 14.04
CA LEU B 66 -1.03 -17.32 14.67
C LEU B 66 -1.72 -17.03 16.02
N SER B 67 -1.27 -16.00 16.74
CA SER B 67 -1.94 -15.58 17.97
C SER B 67 -3.31 -14.94 17.74
N SER B 68 -3.52 -14.38 16.55
CA SER B 68 -4.79 -13.71 16.22
C SER B 68 -5.88 -14.69 15.80
N PHE B 69 -5.58 -15.99 15.83
CA PHE B 69 -6.57 -17.02 15.56
C PHE B 69 -6.62 -18.00 16.70
N ASP B 70 -7.82 -18.43 17.06
CA ASP B 70 -8.00 -19.51 18.00
C ASP B 70 -8.15 -20.76 17.16
N PRO B 71 -7.12 -21.64 17.16
CA PRO B 71 -7.10 -22.85 16.30
C PRO B 71 -8.28 -23.79 16.52
N VAL B 72 -8.78 -23.84 17.76
CA VAL B 72 -9.98 -24.60 18.13
C VAL B 72 -11.24 -24.06 17.42
N ARG B 73 -11.36 -22.73 17.42
CA ARG B 73 -12.43 -22.03 16.71
C ARG B 73 -12.35 -22.25 15.18
N ILE B 74 -11.13 -22.28 14.64
CA ILE B 74 -10.92 -22.63 13.24
C ILE B 74 -11.34 -24.06 12.95
N ASN B 75 -11.02 -25.00 13.85
CA ASN B 75 -11.47 -26.40 13.70
C ASN B 75 -12.98 -26.50 13.62
N GLU B 76 -13.66 -25.77 14.50
CA GLU B 76 -15.12 -25.68 14.54
C GLU B 76 -15.68 -25.23 13.19
N LEU B 77 -15.07 -24.18 12.64
CA LEU B 77 -15.47 -23.64 11.34
C LEU B 77 -15.17 -24.61 10.21
N ALA B 78 -14.01 -25.26 10.29
CA ALA B 78 -13.55 -26.17 9.25
C ALA B 78 -14.45 -27.40 9.22
N ASP B 79 -14.84 -27.86 10.41
CA ASP B 79 -15.73 -29.01 10.56
C ASP B 79 -17.14 -28.73 10.04
N LYS B 80 -17.69 -27.54 10.32
CA LYS B 80 -19.01 -27.17 9.78
C LYS B 80 -18.98 -26.98 8.27
N ALA B 81 -17.85 -26.48 7.76
CA ALA B 81 -17.67 -26.28 6.34
C ALA B 81 -17.57 -27.60 5.56
N LEU B 82 -16.74 -28.51 6.06
CA LEU B 82 -16.43 -29.75 5.35
C LEU B 82 -17.28 -30.96 5.78
N ASN B 83 -17.78 -30.94 7.02
CA ASN B 83 -18.73 -31.95 7.48
C ASN B 83 -20.02 -31.28 8.01
N PRO B 84 -20.80 -30.62 7.10
CA PRO B 84 -22.04 -29.98 7.55
C PRO B 84 -23.17 -31.00 7.77
N PRO B 85 -24.22 -30.59 8.53
CA PRO B 85 -25.44 -31.40 8.71
C PRO B 85 -26.49 -31.11 7.63
N ALA B 92 -39.81 -25.34 2.66
CA ALA B 92 -39.70 -23.89 2.71
C ALA B 92 -41.01 -23.18 2.33
N SER B 93 -41.54 -22.40 3.28
CA SER B 93 -42.67 -21.50 3.01
C SER B 93 -42.15 -20.21 2.40
N LEU B 94 -42.55 -19.96 1.15
CA LEU B 94 -42.08 -18.80 0.36
C LEU B 94 -43.21 -17.85 -0.05
N GLU B 95 -43.04 -16.58 0.32
CA GLU B 95 -44.00 -15.53 -0.01
C GLU B 95 -43.23 -14.24 -0.27
N PRO B 96 -43.82 -13.32 -1.07
CA PRO B 96 -43.24 -12.00 -1.17
C PRO B 96 -43.47 -11.23 0.13
N LEU B 97 -42.63 -10.25 0.40
CA LEU B 97 -42.86 -9.32 1.51
C LEU B 97 -44.29 -8.78 1.48
N PRO B 98 -44.90 -8.56 2.66
CA PRO B 98 -46.19 -7.89 2.65
C PRO B 98 -46.09 -6.55 1.91
N ASP B 99 -47.16 -6.17 1.22
CA ASP B 99 -47.20 -4.90 0.47
C ASP B 99 -46.90 -3.67 1.33
N ILE B 100 -47.33 -3.71 2.58
CA ILE B 100 -47.04 -2.66 3.56
C ILE B 100 -45.54 -2.47 3.82
N ALA B 101 -44.73 -3.50 3.55
CA ALA B 101 -43.27 -3.43 3.74
C ALA B 101 -42.50 -3.00 2.47
N THR B 102 -43.19 -2.98 1.33
CA THR B 102 -42.55 -2.73 0.04
C THR B 102 -42.87 -1.37 -0.57
N ALA B 103 -41.95 -0.88 -1.39
CA ALA B 103 -42.19 0.32 -2.21
C ALA B 103 -41.37 0.24 -3.49
N SER B 104 -41.74 1.06 -4.46
CA SER B 104 -41.13 0.99 -5.78
C SER B 104 -41.11 2.36 -6.42
N ILE B 105 -39.95 2.74 -6.94
CA ILE B 105 -39.81 3.96 -7.72
C ILE B 105 -40.74 3.90 -8.95
N LEU B 106 -40.81 2.72 -9.57
CA LEU B 106 -41.67 2.48 -10.73
C LEU B 106 -43.15 2.56 -10.39
N ASP B 107 -43.55 1.88 -9.31
CA ASP B 107 -44.97 1.57 -9.05
C ASP B 107 -45.69 2.39 -7.98
N SER B 108 -44.97 2.95 -7.02
CA SER B 108 -45.58 3.67 -5.90
C SER B 108 -46.13 5.03 -6.35
N ASP B 109 -47.03 5.60 -5.57
CA ASP B 109 -47.55 6.95 -5.80
C ASP B 109 -46.39 7.95 -5.77
N PRO B 110 -46.20 8.71 -6.87
CA PRO B 110 -45.16 9.75 -6.92
C PRO B 110 -45.18 10.68 -5.70
N LYS B 111 -46.37 10.96 -5.19
CA LYS B 111 -46.57 11.77 -3.99
C LYS B 111 -45.77 11.22 -2.79
N ASP B 112 -45.75 9.89 -2.67
CA ASP B 112 -45.07 9.19 -1.59
C ASP B 112 -43.55 9.26 -1.75
N LEU B 113 -43.09 8.99 -2.97
CA LEU B 113 -41.66 8.98 -3.27
C LEU B 113 -41.04 10.35 -3.09
N GLU B 114 -41.80 11.39 -3.45
CA GLU B 114 -41.40 12.80 -3.27
C GLU B 114 -41.34 13.24 -1.79
N GLN B 115 -42.30 12.78 -1.00
CA GLN B 115 -42.31 13.00 0.45
C GLN B 115 -41.11 12.34 1.10
N TRP B 116 -40.89 11.06 0.78
CA TRP B 116 -39.75 10.31 1.30
C TRP B 116 -38.39 10.95 0.96
N TYR B 117 -38.24 11.39 -0.28
CA TYR B 117 -37.10 12.20 -0.70
C TYR B 117 -36.87 13.40 0.23
N GLU B 118 -37.94 14.17 0.52
CA GLU B 118 -37.84 15.37 1.34
C GLU B 118 -37.47 15.03 2.77
N GLU B 119 -38.08 13.97 3.28
CA GLU B 119 -37.80 13.47 4.64
C GLU B 119 -36.36 12.97 4.77
N GLY B 120 -35.88 12.26 3.74
CA GLY B 120 -34.51 11.76 3.74
C GLY B 120 -33.49 12.88 3.62
N LEU B 121 -33.81 13.88 2.80
CA LEU B 121 -32.94 15.05 2.67
C LEU B 121 -32.90 15.82 4.00
N LYS B 122 -34.05 15.87 4.68
CA LYS B 122 -34.18 16.45 6.03
C LYS B 122 -33.27 15.78 7.08
N LEU B 123 -33.20 14.45 7.04
CA LEU B 123 -32.30 13.71 7.90
C LEU B 123 -30.82 13.90 7.53
N VAL B 124 -30.53 14.02 6.24
CA VAL B 124 -29.19 14.39 5.77
C VAL B 124 -28.78 15.75 6.35
N ALA B 125 -29.70 16.72 6.27
CA ALA B 125 -29.45 18.08 6.75
C ALA B 125 -29.24 18.18 8.27
N GLY B 126 -29.83 17.25 9.01
CA GLY B 126 -29.71 17.22 10.46
C GLY B 126 -28.48 16.47 10.91
N ASN B 127 -27.62 16.07 9.96
CA ASN B 127 -26.38 15.31 10.20
C ASN B 127 -26.61 13.91 10.80
N LYS B 128 -27.76 13.29 10.51
CA LYS B 128 -28.15 11.98 11.07
C LYS B 128 -27.75 10.80 10.20
N VAL B 129 -27.23 11.09 9.01
CA VAL B 129 -26.96 10.05 8.01
C VAL B 129 -25.47 9.75 7.83
N ALA B 130 -25.14 8.47 7.79
CA ALA B 130 -23.77 8.06 7.49
C ALA B 130 -23.77 7.04 6.36
N VAL B 131 -22.62 6.85 5.71
CA VAL B 131 -22.47 5.82 4.67
C VAL B 131 -21.34 4.84 4.97
N VAL B 132 -21.62 3.55 4.85
CA VAL B 132 -20.56 2.54 4.95
C VAL B 132 -20.35 1.91 3.58
N LEU B 133 -19.17 2.14 3.04
CA LEU B 133 -18.81 1.61 1.74
C LEU B 133 -18.01 0.31 1.93
N MET B 134 -18.55 -0.78 1.39
CA MET B 134 -17.88 -2.07 1.45
C MET B 134 -16.96 -2.20 0.26
N ALA B 135 -15.66 -2.16 0.52
CA ALA B 135 -14.68 -2.15 -0.56
C ALA B 135 -13.50 -3.08 -0.20
N GLY B 136 -13.81 -4.14 0.55
CA GLY B 136 -12.82 -5.17 0.93
C GLY B 136 -12.76 -6.39 0.02
N GLY B 137 -13.47 -6.34 -1.10
CA GLY B 137 -13.44 -7.44 -2.08
C GLY B 137 -12.09 -7.53 -2.77
N GLN B 138 -11.77 -8.71 -3.29
CA GLN B 138 -10.45 -8.94 -3.86
C GLN B 138 -10.34 -8.55 -5.35
N GLY B 139 -11.50 -8.49 -6.04
CA GLY B 139 -11.60 -7.93 -7.39
C GLY B 139 -11.04 -8.76 -8.54
N THR B 140 -10.90 -10.06 -8.30
CA THR B 140 -10.18 -10.95 -9.23
C THR B 140 -10.70 -10.93 -10.69
N ARG B 141 -12.02 -10.93 -10.87
CA ARG B 141 -12.64 -10.97 -12.19
C ARG B 141 -12.31 -9.76 -13.08
N LEU B 142 -12.00 -8.63 -12.46
CA LEU B 142 -11.68 -7.41 -13.19
C LEU B 142 -10.22 -7.35 -13.62
N GLY B 143 -9.33 -7.95 -12.81
CA GLY B 143 -7.90 -8.10 -13.14
C GLY B 143 -7.02 -6.86 -13.06
N SER B 144 -7.40 -5.91 -12.19
CA SER B 144 -6.59 -4.74 -11.92
C SER B 144 -5.80 -4.99 -10.65
N SER B 145 -4.61 -4.39 -10.56
CA SER B 145 -3.78 -4.53 -9.36
C SER B 145 -4.06 -3.44 -8.31
N ALA B 146 -4.79 -2.41 -8.73
CA ALA B 146 -5.23 -1.35 -7.82
C ALA B 146 -6.59 -1.74 -7.25
N PRO B 147 -6.95 -1.21 -6.05
CA PRO B 147 -8.28 -1.45 -5.49
C PRO B 147 -9.39 -1.12 -6.50
N LYS B 148 -10.53 -1.79 -6.41
CA LYS B 148 -11.57 -1.62 -7.41
C LYS B 148 -12.11 -0.18 -7.53
N GLY B 149 -12.30 0.49 -6.39
CA GLY B 149 -12.76 1.87 -6.39
C GLY B 149 -11.88 2.84 -7.16
N CYS B 150 -10.61 2.46 -7.37
CA CYS B 150 -9.66 3.29 -8.10
C CYS B 150 -9.84 3.15 -9.60
N PHE B 151 -10.67 2.22 -10.02
CA PHE B 151 -10.77 1.90 -11.44
C PHE B 151 -11.39 3.02 -12.22
N ASP B 152 -10.80 3.28 -13.40
CA ASP B 152 -11.26 4.30 -14.34
C ASP B 152 -11.92 3.63 -15.55
N ILE B 153 -13.25 3.73 -15.64
CA ILE B 153 -14.03 3.03 -16.67
C ILE B 153 -13.99 3.67 -18.06
N GLY B 154 -13.22 4.74 -18.22
CA GLY B 154 -13.11 5.45 -19.50
C GLY B 154 -14.15 6.54 -19.77
N LEU B 155 -14.78 7.07 -18.72
CA LEU B 155 -15.64 8.23 -18.88
C LEU B 155 -14.78 9.41 -19.37
N PRO B 156 -15.40 10.38 -20.07
CA PRO B 156 -14.64 11.57 -20.46
C PRO B 156 -13.86 12.24 -19.31
N SER B 157 -14.41 12.21 -18.10
CA SER B 157 -13.77 12.84 -16.93
C SER B 157 -12.62 12.01 -16.40
N HIS B 158 -12.62 10.72 -16.76
CA HIS B 158 -11.65 9.75 -16.26
C HIS B 158 -11.60 9.66 -14.72
N LYS B 159 -12.75 9.89 -14.11
CA LYS B 159 -12.92 9.80 -12.67
C LYS B 159 -13.02 8.34 -12.20
N SER B 160 -12.34 8.01 -11.11
CA SER B 160 -12.51 6.70 -10.43
C SER B 160 -13.93 6.54 -9.87
N LEU B 161 -14.28 5.32 -9.48
CA LEU B 161 -15.53 5.08 -8.76
C LEU B 161 -15.53 5.77 -7.41
N PHE B 162 -14.39 5.76 -6.71
CA PHE B 162 -14.28 6.49 -5.45
C PHE B 162 -14.64 7.96 -5.65
N GLN B 163 -14.08 8.59 -6.69
CA GLN B 163 -14.28 10.02 -6.90
C GLN B 163 -15.73 10.35 -7.25
N ILE B 164 -16.34 9.53 -8.11
CA ILE B 164 -17.73 9.72 -8.50
C ILE B 164 -18.62 9.61 -7.26
N GLN B 165 -18.35 8.58 -6.46
CA GLN B 165 -19.10 8.33 -5.23
C GLN B 165 -18.90 9.49 -4.25
N ALA B 166 -17.65 9.95 -4.08
CA ALA B 166 -17.37 11.12 -3.25
C ALA B 166 -18.11 12.38 -3.68
N GLU B 167 -18.21 12.56 -4.99
CA GLU B 167 -18.87 13.75 -5.54
C GLU B 167 -20.37 13.68 -5.38
N ARG B 168 -20.90 12.47 -5.33
CA ARG B 168 -22.31 12.28 -5.05
C ARG B 168 -22.63 12.71 -3.62
N ILE B 169 -21.77 12.35 -2.68
CA ILE B 169 -21.85 12.82 -1.27
C ILE B 169 -21.70 14.33 -1.13
N ALA B 170 -20.68 14.93 -1.76
CA ALA B 170 -20.58 16.38 -1.82
C ALA B 170 -21.87 16.99 -2.31
N LYS B 171 -22.39 16.47 -3.42
CA LYS B 171 -23.60 17.05 -3.99
C LYS B 171 -24.79 17.01 -3.03
N LEU B 172 -25.12 15.83 -2.51
CA LEU B 172 -26.22 15.68 -1.57
C LEU B 172 -26.11 16.64 -0.39
N GLN B 173 -24.91 16.74 0.18
CA GLN B 173 -24.65 17.66 1.29
C GLN B 173 -25.03 19.10 0.91
N LEU B 174 -24.69 19.50 -0.31
CA LEU B 174 -25.03 20.82 -0.82
C LEU B 174 -26.52 20.98 -1.07
N LEU B 175 -27.15 19.95 -1.63
CA LEU B 175 -28.61 19.95 -1.82
C LEU B 175 -29.38 20.03 -0.48
N ALA B 176 -28.81 19.45 0.56
CA ALA B 176 -29.44 19.39 1.88
C ALA B 176 -29.58 20.78 2.55
N GLN B 177 -28.73 21.73 2.15
CA GLN B 177 -28.74 23.09 2.68
C GLN B 177 -30.07 23.78 2.40
N ARG B 178 -30.75 23.34 1.34
CA ARG B 178 -32.08 23.87 1.03
C ARG B 178 -33.06 23.70 2.20
N ILE B 179 -32.92 22.60 2.92
CA ILE B 179 -33.78 22.29 4.05
C ILE B 179 -33.37 23.13 5.26
N SER B 180 -32.07 23.19 5.54
CA SER B 180 -31.59 23.68 6.84
C SER B 180 -30.94 25.05 6.85
N GLY B 181 -30.42 25.49 5.70
CA GLY B 181 -29.65 26.72 5.60
C GLY B 181 -28.30 26.65 6.27
N LYS B 182 -27.84 25.43 6.56
CA LYS B 182 -26.55 25.15 7.18
C LYS B 182 -25.82 24.09 6.34
N GLU B 183 -24.51 23.97 6.54
CA GLU B 183 -23.75 22.84 5.98
C GLU B 183 -24.18 21.50 6.60
N ALA B 184 -24.25 20.48 5.74
CA ALA B 184 -24.61 19.12 6.14
C ALA B 184 -23.43 18.17 5.92
N VAL B 185 -23.31 17.18 6.78
CA VAL B 185 -22.20 16.22 6.78
C VAL B 185 -22.71 14.77 6.77
N ILE B 186 -22.29 14.03 5.75
CA ILE B 186 -22.48 12.58 5.68
C ILE B 186 -21.08 11.97 5.83
N PRO B 187 -20.77 11.42 7.02
CA PRO B 187 -19.58 10.60 7.25
C PRO B 187 -19.51 9.37 6.33
N TRP B 188 -18.31 9.14 5.80
CA TRP B 188 -18.05 8.10 4.83
C TRP B 188 -17.04 7.12 5.41
N TYR B 189 -17.53 5.94 5.75
CA TYR B 189 -16.71 4.95 6.36
C TYR B 189 -16.39 3.94 5.27
N VAL B 190 -15.13 3.88 4.89
CA VAL B 190 -14.71 3.07 3.75
C VAL B 190 -14.05 1.78 4.26
N MET B 191 -14.73 0.65 4.05
CA MET B 191 -14.25 -0.64 4.53
C MET B 191 -13.37 -1.34 3.51
N THR B 192 -12.11 -1.56 3.89
CA THR B 192 -11.14 -2.16 3.02
C THR B 192 -10.70 -3.53 3.52
N SER B 193 -9.94 -4.23 2.68
CA SER B 193 -9.28 -5.46 3.05
C SER B 193 -7.83 -5.10 3.34
N GLY B 194 -7.12 -6.01 4.01
CA GLY B 194 -5.70 -5.83 4.32
C GLY B 194 -4.85 -5.37 3.16
N PRO B 195 -4.86 -6.12 2.03
CA PRO B 195 -4.21 -5.77 0.76
C PRO B 195 -4.54 -4.40 0.17
N THR B 196 -5.83 -4.03 0.14
CA THR B 196 -6.29 -2.79 -0.51
C THR B 196 -6.26 -1.54 0.38
N ARG B 197 -6.01 -1.72 1.66
CA ARG B 197 -6.10 -0.63 2.62
C ARG B 197 -5.11 0.55 2.36
N LYS B 198 -3.84 0.22 2.20
CA LYS B 198 -2.79 1.22 2.00
C LYS B 198 -2.98 1.98 0.69
N PRO B 199 -3.13 1.25 -0.46
CA PRO B 199 -3.36 2.00 -1.71
C PRO B 199 -4.64 2.88 -1.71
N THR B 200 -5.69 2.40 -1.04
CA THR B 200 -6.92 3.17 -0.90
C THR B 200 -6.67 4.51 -0.21
N GLU B 201 -6.01 4.47 0.95
CA GLU B 201 -5.65 5.67 1.69
C GLU B 201 -4.75 6.62 0.91
N GLU B 202 -3.75 6.06 0.26
CA GLU B 202 -2.83 6.84 -0.58
C GLU B 202 -3.59 7.55 -1.70
N PHE B 203 -4.54 6.85 -2.29
CA PHE B 203 -5.39 7.37 -3.36
C PHE B 203 -6.24 8.57 -2.91
N PHE B 204 -6.93 8.42 -1.78
CA PHE B 204 -7.72 9.48 -1.15
C PHE B 204 -6.82 10.65 -0.79
N GLU B 205 -5.70 10.36 -0.12
CA GLU B 205 -4.69 11.37 0.21
C GLU B 205 -4.18 12.14 -1.01
N GLN B 206 -3.80 11.42 -2.06
CA GLN B 206 -3.34 12.04 -3.30
C GLN B 206 -4.40 12.95 -3.92
N HIS B 207 -5.67 12.59 -3.75
CA HIS B 207 -6.79 13.34 -4.32
C HIS B 207 -7.45 14.32 -3.36
N LYS B 208 -6.79 14.55 -2.23
CA LYS B 208 -7.28 15.51 -1.21
C LYS B 208 -8.72 15.21 -0.80
N TYR B 209 -9.01 13.93 -0.58
CA TYR B 209 -10.31 13.43 -0.17
C TYR B 209 -11.46 13.81 -1.10
N PHE B 210 -11.13 14.17 -2.34
CA PHE B 210 -12.09 14.49 -3.39
C PHE B 210 -12.94 15.74 -3.07
N GLY B 211 -12.40 16.62 -2.24
CA GLY B 211 -13.10 17.84 -1.82
C GLY B 211 -13.81 17.71 -0.48
N LEU B 212 -13.85 16.49 0.07
CA LEU B 212 -14.50 16.29 1.35
C LEU B 212 -13.51 16.52 2.47
N ASN B 213 -14.01 16.69 3.70
CA ASN B 213 -13.13 16.80 4.86
C ASN B 213 -12.55 15.44 5.18
N LYS B 214 -11.23 15.39 5.29
CA LYS B 214 -10.49 14.22 5.70
C LYS B 214 -11.01 13.67 7.04
N SER B 215 -11.38 14.59 7.93
CA SER B 215 -11.93 14.22 9.23
C SER B 215 -13.34 13.60 9.14
N ASP B 216 -13.94 13.63 7.94
CA ASP B 216 -15.24 13.02 7.71
C ASP B 216 -15.21 11.78 6.81
N VAL B 217 -14.01 11.28 6.56
CA VAL B 217 -13.82 10.09 5.75
C VAL B 217 -12.91 9.18 6.58
N ILE B 218 -13.42 8.01 6.93
CA ILE B 218 -12.68 7.08 7.76
C ILE B 218 -12.51 5.78 7.01
N ILE B 219 -11.26 5.47 6.70
CA ILE B 219 -10.91 4.23 6.05
C ILE B 219 -10.47 3.26 7.13
N PHE B 220 -11.10 2.10 7.11
CA PHE B 220 -10.84 1.06 8.11
C PHE B 220 -10.77 -0.29 7.39
N GLU B 221 -10.38 -1.33 8.14
CA GLU B 221 -10.19 -2.67 7.59
C GLU B 221 -11.15 -3.65 8.25
N GLN B 222 -11.63 -4.59 7.45
CA GLN B 222 -12.40 -5.71 7.99
C GLN B 222 -11.43 -6.84 8.34
N GLY B 223 -11.93 -7.78 9.13
CA GLY B 223 -11.15 -8.91 9.55
C GLY B 223 -10.97 -9.98 8.49
N VAL B 224 -10.07 -10.91 8.80
CA VAL B 224 -9.77 -12.03 7.93
C VAL B 224 -10.03 -13.37 8.64
N LEU B 225 -10.13 -14.41 7.84
CA LEU B 225 -10.03 -15.78 8.33
C LEU B 225 -8.93 -16.47 7.56
N PRO B 226 -8.31 -17.52 8.13
CA PRO B 226 -7.36 -18.35 7.42
C PRO B 226 -8.06 -19.18 6.34
N CYS B 227 -7.37 -19.36 5.21
CA CYS B 227 -7.80 -20.34 4.21
C CYS B 227 -7.52 -21.73 4.73
N ILE B 228 -8.44 -22.63 4.44
CA ILE B 228 -8.46 -23.96 5.03
C ILE B 228 -8.47 -24.97 3.90
N SER B 229 -7.51 -25.91 3.92
CA SER B 229 -7.42 -27.01 2.94
C SER B 229 -8.67 -27.88 2.90
N ASN B 230 -8.78 -28.74 1.88
CA ASN B 230 -9.89 -29.69 1.76
C ASN B 230 -9.94 -30.69 2.91
N GLU B 231 -8.78 -31.00 3.46
CA GLU B 231 -8.69 -31.91 4.59
C GLU B 231 -8.79 -31.16 5.94
N GLY B 232 -9.15 -29.88 5.90
CA GLY B 232 -9.43 -29.10 7.12
C GLY B 232 -8.22 -28.47 7.78
N LYS B 233 -7.18 -28.20 6.99
CA LYS B 233 -5.88 -27.77 7.50
C LYS B 233 -5.63 -26.32 7.18
N ILE B 234 -5.16 -25.56 8.16
CA ILE B 234 -4.75 -24.19 7.88
C ILE B 234 -3.68 -24.19 6.78
N LEU B 235 -3.92 -23.39 5.75
CA LEU B 235 -2.98 -23.23 4.65
C LEU B 235 -1.90 -22.22 5.00
N MET B 236 -0.67 -22.54 4.63
CA MET B 236 0.43 -21.59 4.75
C MET B 236 0.70 -20.94 3.40
N GLU B 237 0.77 -19.62 3.38
CA GLU B 237 1.15 -18.91 2.17
C GLU B 237 2.66 -19.04 1.94
N SER B 238 3.41 -19.05 3.05
CA SER B 238 4.86 -19.15 3.04
C SER B 238 5.27 -19.88 4.31
N LYS B 239 6.57 -19.99 4.55
CA LYS B 239 7.11 -20.68 5.74
C LYS B 239 6.80 -20.00 7.08
N PHE B 240 6.43 -18.73 7.02
CA PHE B 240 6.19 -17.92 8.21
C PHE B 240 4.90 -17.10 8.11
N LYS B 241 3.97 -17.55 7.27
CA LYS B 241 2.75 -16.80 6.98
C LYS B 241 1.57 -17.70 6.66
N VAL B 242 0.47 -17.50 7.39
CA VAL B 242 -0.80 -18.13 7.07
C VAL B 242 -1.44 -17.43 5.87
N ALA B 243 -2.01 -18.22 4.97
CA ALA B 243 -2.83 -17.69 3.89
C ALA B 243 -4.15 -17.29 4.49
N VAL B 244 -4.53 -16.04 4.27
CA VAL B 244 -5.77 -15.48 4.81
C VAL B 244 -6.57 -14.79 3.71
N ALA B 245 -7.88 -14.68 3.93
CA ALA B 245 -8.75 -13.96 3.03
C ALA B 245 -9.74 -13.16 3.88
N PRO B 246 -10.22 -12.01 3.37
CA PRO B 246 -11.21 -11.21 4.09
C PRO B 246 -12.40 -12.06 4.45
N ASP B 247 -13.04 -11.77 5.59
CA ASP B 247 -14.07 -12.66 6.14
C ASP B 247 -15.49 -12.47 5.55
N GLY B 248 -15.58 -12.02 4.30
CA GLY B 248 -16.87 -11.75 3.61
C GLY B 248 -17.39 -10.33 3.82
N ASN B 249 -18.39 -9.91 3.02
CA ASN B 249 -19.03 -8.60 3.28
C ASN B 249 -19.82 -8.57 4.58
N GLY B 250 -20.19 -9.74 5.09
CA GLY B 250 -20.87 -9.84 6.37
C GLY B 250 -19.98 -9.58 7.58
N GLY B 251 -18.66 -9.56 7.36
CA GLY B 251 -17.71 -9.10 8.38
C GLY B 251 -17.77 -7.59 8.64
N ILE B 252 -18.62 -6.89 7.88
CA ILE B 252 -18.89 -5.46 8.12
C ILE B 252 -19.25 -5.16 9.58
N TYR B 253 -20.14 -5.97 10.15
CA TYR B 253 -20.68 -5.73 11.49
C TYR B 253 -19.62 -5.77 12.59
N GLN B 254 -18.83 -6.84 12.63
CA GLN B 254 -17.73 -6.97 13.58
C GLN B 254 -16.71 -5.85 13.35
N ALA B 255 -16.38 -5.57 12.09
CA ALA B 255 -15.42 -4.49 11.77
C ALA B 255 -15.87 -3.11 12.28
N LEU B 256 -17.18 -2.88 12.34
CA LEU B 256 -17.73 -1.64 12.89
C LEU B 256 -17.34 -1.42 14.36
N LEU B 257 -17.17 -2.51 15.10
CA LEU B 257 -16.78 -2.47 16.52
C LEU B 257 -15.26 -2.37 16.65
N THR B 258 -14.56 -3.34 16.08
CA THR B 258 -13.10 -3.38 16.15
C THR B 258 -12.45 -2.07 15.72
N SER B 259 -12.92 -1.51 14.61
CA SER B 259 -12.39 -0.26 14.06
C SER B 259 -12.73 1.01 14.86
N GLY B 260 -13.77 0.96 15.68
CA GLY B 260 -14.26 2.17 16.34
C GLY B 260 -15.28 3.00 15.55
N VAL B 261 -15.73 2.49 14.40
CA VAL B 261 -16.70 3.21 13.54
C VAL B 261 -18.08 3.40 14.21
N ARG B 262 -18.67 2.31 14.73
CA ARG B 262 -19.94 2.38 15.50
C ARG B 262 -19.87 3.43 16.62
N GLU B 263 -18.73 3.48 17.30
CA GLU B 263 -18.44 4.44 18.36
C GLU B 263 -18.34 5.87 17.83
N ASP B 264 -17.75 6.02 16.64
CA ASP B 264 -17.67 7.32 15.97
C ASP B 264 -19.05 7.80 15.59
N MET B 265 -19.86 6.91 15.00
CA MET B 265 -21.26 7.19 14.68
C MET B 265 -22.04 7.69 15.90
N ARG B 266 -21.89 6.97 17.02
CA ARG B 266 -22.51 7.34 18.31
C ARG B 266 -22.16 8.78 18.73
N LYS B 267 -20.87 9.09 18.80
CA LYS B 267 -20.41 10.45 19.15
C LYS B 267 -21.06 11.51 18.25
N ARG B 268 -21.14 11.20 16.96
CA ARG B 268 -21.63 12.12 15.95
C ARG B 268 -23.15 12.28 15.93
N GLY B 269 -23.86 11.37 16.60
CA GLY B 269 -25.34 11.35 16.59
C GLY B 269 -25.92 10.80 15.30
N ILE B 270 -25.26 9.83 14.69
CA ILE B 270 -25.77 9.15 13.49
C ILE B 270 -26.98 8.26 13.85
N GLU B 271 -28.08 8.44 13.13
CA GLU B 271 -29.28 7.60 13.33
C GLU B 271 -29.62 6.71 12.13
N HIS B 272 -29.03 7.02 10.96
CA HIS B 272 -29.39 6.37 9.70
C HIS B 272 -28.15 6.07 8.86
N ILE B 273 -28.04 4.82 8.41
CA ILE B 273 -26.81 4.41 7.75
C ILE B 273 -27.13 3.75 6.41
N HIS B 274 -26.49 4.26 5.36
CA HIS B 274 -26.60 3.69 4.02
C HIS B 274 -25.38 2.81 3.76
N THR B 275 -25.65 1.56 3.40
CA THR B 275 -24.60 0.57 3.15
C THR B 275 -24.67 0.06 1.71
N TYR B 276 -23.54 0.06 1.01
CA TYR B 276 -23.47 -0.44 -0.35
C TYR B 276 -22.05 -0.92 -0.71
N CYS B 277 -21.97 -1.55 -1.87
CA CYS B 277 -20.74 -2.13 -2.35
CA CYS B 277 -20.74 -2.14 -2.37
C CYS B 277 -20.07 -1.24 -3.41
N VAL B 278 -18.73 -1.16 -3.36
CA VAL B 278 -17.97 -0.23 -4.20
C VAL B 278 -18.24 -0.34 -5.70
N ASP B 279 -18.58 -1.54 -6.16
CA ASP B 279 -18.63 -1.81 -7.59
C ASP B 279 -19.89 -1.34 -8.31
N ASN B 280 -20.87 -0.88 -7.56
CA ASN B 280 -22.04 -0.25 -8.18
C ASN B 280 -21.72 1.17 -8.65
N CYS B 281 -21.45 1.30 -9.96
CA CYS B 281 -21.06 2.55 -10.60
C CYS B 281 -22.19 3.56 -10.59
N LEU B 282 -23.42 3.07 -10.56
CA LEU B 282 -24.60 3.94 -10.61
C LEU B 282 -25.16 4.35 -9.25
N VAL B 283 -24.53 3.89 -8.17
CA VAL B 283 -25.03 4.04 -6.79
C VAL B 283 -25.49 5.43 -6.38
N LYS B 284 -26.77 5.50 -5.99
CA LYS B 284 -27.35 6.69 -5.39
C LYS B 284 -26.90 6.68 -3.92
N VAL B 285 -25.75 7.29 -3.66
CA VAL B 285 -25.12 7.30 -2.32
C VAL B 285 -25.97 8.12 -1.37
N ALA B 286 -26.15 7.60 -0.15
CA ALA B 286 -27.04 8.16 0.89
C ALA B 286 -28.40 8.60 0.35
N ASP B 287 -28.94 7.80 -0.57
CA ASP B 287 -30.20 8.10 -1.28
C ASP B 287 -31.33 8.52 -0.32
N PRO B 288 -31.79 9.77 -0.46
CA PRO B 288 -32.84 10.37 0.36
C PRO B 288 -34.17 9.63 0.31
N VAL B 289 -34.54 9.14 -0.88
CA VAL B 289 -35.77 8.36 -1.02
C VAL B 289 -35.73 7.09 -0.15
N PHE B 290 -34.67 6.29 -0.30
CA PHE B 290 -34.45 5.04 0.44
C PHE B 290 -34.38 5.27 1.97
N ILE B 291 -33.61 6.26 2.39
CA ILE B 291 -33.49 6.65 3.77
C ILE B 291 -34.82 7.19 4.35
N GLY B 292 -35.48 8.07 3.60
CA GLY B 292 -36.75 8.70 4.00
C GLY B 292 -37.88 7.69 4.10
N PHE B 293 -37.91 6.75 3.14
CA PHE B 293 -38.87 5.66 3.15
C PHE B 293 -38.64 4.77 4.36
N ALA B 294 -37.40 4.31 4.53
CA ALA B 294 -37.04 3.46 5.67
C ALA B 294 -37.37 4.12 7.01
N ALA B 295 -36.94 5.37 7.20
CA ALA B 295 -37.16 6.12 8.45
C ALA B 295 -38.64 6.33 8.77
N SER B 296 -39.45 6.56 7.73
CA SER B 296 -40.86 6.89 7.91
C SER B 296 -41.68 5.66 8.34
N LYS B 297 -41.18 4.50 7.94
CA LYS B 297 -41.76 3.21 8.32
C LYS B 297 -41.21 2.73 9.64
N GLN B 298 -40.25 3.49 10.20
CA GLN B 298 -39.63 3.19 11.51
C GLN B 298 -39.01 1.80 11.61
N VAL B 299 -38.40 1.34 10.52
CA VAL B 299 -37.79 0.02 10.45
C VAL B 299 -36.37 0.04 11.03
N ASP B 300 -35.87 -1.14 11.39
CA ASP B 300 -34.51 -1.29 11.90
C ASP B 300 -33.53 -1.51 10.77
N ILE B 301 -34.05 -2.09 9.70
CA ILE B 301 -33.27 -2.49 8.56
C ILE B 301 -34.16 -2.44 7.32
N ALA B 302 -33.58 -2.06 6.20
CA ALA B 302 -34.28 -2.03 4.92
C ALA B 302 -33.32 -2.39 3.81
N THR B 303 -33.90 -2.83 2.69
CA THR B 303 -33.12 -3.29 1.56
C THR B 303 -33.59 -2.61 0.27
N LYS B 304 -32.66 -2.41 -0.65
CA LYS B 304 -32.94 -1.82 -1.96
C LYS B 304 -32.69 -2.89 -3.04
N VAL B 305 -33.65 -3.04 -3.95
CA VAL B 305 -33.61 -4.09 -4.97
C VAL B 305 -33.93 -3.56 -6.36
N VAL B 306 -33.57 -4.34 -7.38
CA VAL B 306 -34.02 -4.09 -8.75
C VAL B 306 -35.00 -5.16 -9.18
N ARG B 307 -35.66 -4.93 -10.30
CA ARG B 307 -36.64 -5.87 -10.89
C ARG B 307 -35.94 -7.05 -11.53
N LYS B 308 -36.19 -8.25 -11.02
CA LYS B 308 -35.84 -9.47 -11.76
C LYS B 308 -36.68 -9.48 -13.02
N ARG B 309 -36.03 -9.59 -14.19
CA ARG B 309 -36.76 -9.44 -15.46
C ARG B 309 -37.16 -10.72 -16.21
N ASN B 310 -36.53 -11.84 -15.86
CA ASN B 310 -36.88 -13.15 -16.42
C ASN B 310 -36.93 -14.16 -15.29
N ALA B 311 -37.74 -15.20 -15.46
CA ALA B 311 -37.87 -16.28 -14.47
C ALA B 311 -36.52 -16.97 -14.21
N THR B 312 -35.68 -16.98 -15.24
CA THR B 312 -34.42 -17.72 -15.28
C THR B 312 -33.20 -16.88 -14.81
N GLU B 313 -33.42 -15.61 -14.52
CA GLU B 313 -32.34 -14.70 -14.13
C GLU B 313 -31.76 -15.06 -12.74
N SER B 314 -30.43 -15.17 -12.68
CA SER B 314 -29.73 -15.89 -11.62
C SER B 314 -29.50 -15.10 -10.32
N VAL B 315 -30.51 -14.34 -9.91
CA VAL B 315 -30.34 -13.40 -8.81
C VAL B 315 -30.87 -13.92 -7.48
N GLY B 316 -30.25 -13.48 -6.38
CA GLY B 316 -30.81 -13.70 -5.05
C GLY B 316 -32.04 -12.84 -4.89
N LEU B 317 -33.03 -13.34 -4.17
CA LEU B 317 -34.31 -12.66 -4.05
C LEU B 317 -34.68 -12.32 -2.62
N ILE B 318 -35.10 -11.09 -2.42
CA ILE B 318 -35.54 -10.65 -1.12
C ILE B 318 -37.02 -11.01 -1.00
N LEU B 319 -37.36 -11.77 0.05
CA LEU B 319 -38.70 -12.25 0.25
C LEU B 319 -38.96 -12.65 1.70
N GLN B 320 -40.11 -13.29 1.91
CA GLN B 320 -40.50 -13.81 3.21
C GLN B 320 -40.32 -15.32 3.18
N LYS B 321 -39.40 -15.82 4.00
CA LYS B 321 -39.16 -17.25 4.13
C LYS B 321 -39.49 -17.70 5.55
N ASN B 322 -40.40 -18.68 5.65
CA ASN B 322 -40.82 -19.23 6.94
C ASN B 322 -41.24 -18.08 7.86
N GLY B 323 -41.91 -17.10 7.26
CA GLY B 323 -42.46 -15.96 7.99
C GLY B 323 -41.46 -14.90 8.40
N LYS B 324 -40.27 -14.94 7.78
CA LYS B 324 -39.19 -14.01 8.11
C LYS B 324 -38.55 -13.40 6.85
N PRO B 325 -38.08 -12.13 6.96
CA PRO B 325 -37.32 -11.50 5.86
C PRO B 325 -36.07 -12.33 5.62
N ASP B 326 -35.71 -12.54 4.36
CA ASP B 326 -34.62 -13.47 4.01
C ASP B 326 -34.28 -13.26 2.56
N VAL B 327 -33.09 -13.73 2.18
CA VAL B 327 -32.69 -13.76 0.79
C VAL B 327 -32.49 -15.22 0.37
N VAL B 328 -33.14 -15.61 -0.72
CA VAL B 328 -33.04 -16.96 -1.24
C VAL B 328 -32.42 -16.92 -2.65
N GLU B 329 -31.37 -17.72 -2.84
CA GLU B 329 -30.68 -17.80 -4.11
C GLU B 329 -31.51 -18.53 -5.15
N TYR B 330 -31.15 -18.32 -6.42
CA TYR B 330 -31.93 -18.88 -7.53
C TYR B 330 -32.02 -20.41 -7.45
N SER B 331 -30.93 -21.04 -7.02
CA SER B 331 -30.83 -22.50 -6.89
C SER B 331 -31.71 -23.10 -5.79
N GLU B 332 -32.34 -22.24 -4.99
CA GLU B 332 -33.15 -22.69 -3.86
C GLU B 332 -34.66 -22.59 -4.12
N ILE B 333 -35.06 -22.13 -5.31
CA ILE B 333 -36.50 -21.99 -5.62
C ILE B 333 -37.02 -22.96 -6.69
N ASP B 334 -38.34 -23.17 -6.68
CA ASP B 334 -39.06 -23.94 -7.70
C ASP B 334 -39.01 -23.24 -9.04
N LYS B 335 -39.14 -24.03 -10.10
CA LYS B 335 -39.52 -23.52 -11.41
C LYS B 335 -40.83 -22.76 -11.29
N GLU B 336 -41.78 -23.34 -10.56
CA GLU B 336 -43.09 -22.73 -10.34
C GLU B 336 -43.01 -21.34 -9.71
N THR B 337 -42.27 -21.23 -8.59
CA THR B 337 -42.20 -19.95 -7.89
C THR B 337 -41.37 -18.91 -8.66
N ALA B 338 -40.40 -19.37 -9.45
CA ALA B 338 -39.60 -18.52 -10.34
C ALA B 338 -40.41 -17.91 -11.47
N GLU B 339 -41.38 -18.67 -11.98
CA GLU B 339 -42.26 -18.24 -13.07
C GLU B 339 -43.53 -17.57 -12.53
N ALA B 340 -43.79 -17.69 -11.24
CA ALA B 340 -45.00 -17.13 -10.67
C ALA B 340 -45.12 -15.65 -11.01
N LYS B 341 -46.28 -15.25 -11.51
CA LYS B 341 -46.50 -13.85 -11.90
C LYS B 341 -47.42 -13.11 -10.93
N ASP B 342 -47.24 -11.78 -10.87
CA ASP B 342 -47.95 -10.88 -9.96
C ASP B 342 -49.45 -10.80 -10.31
N PRO B 343 -50.34 -11.19 -9.37
CA PRO B 343 -51.78 -11.15 -9.68
C PRO B 343 -52.31 -9.74 -9.99
N LYS B 344 -51.69 -8.71 -9.42
CA LYS B 344 -52.03 -7.32 -9.71
C LYS B 344 -51.39 -6.84 -11.01
N GLN B 345 -50.38 -7.58 -11.48
CA GLN B 345 -49.57 -7.13 -12.59
C GLN B 345 -48.93 -8.34 -13.26
N PRO B 346 -49.76 -9.16 -13.96
CA PRO B 346 -49.28 -10.45 -14.52
C PRO B 346 -48.22 -10.29 -15.59
N ASP B 347 -47.96 -9.03 -15.97
CA ASP B 347 -46.85 -8.67 -16.85
C ASP B 347 -45.53 -8.98 -16.14
N VAL B 348 -45.56 -8.86 -14.82
CA VAL B 348 -44.37 -8.86 -13.96
C VAL B 348 -44.34 -10.08 -13.03
N LEU B 349 -43.12 -10.53 -12.72
CA LEU B 349 -42.88 -11.64 -11.81
C LEU B 349 -43.31 -11.32 -10.38
N LYS B 350 -43.96 -12.28 -9.73
CA LYS B 350 -44.32 -12.26 -8.30
C LYS B 350 -43.10 -12.20 -7.36
N PHE B 351 -42.09 -13.00 -7.66
CA PHE B 351 -40.82 -13.00 -6.92
C PHE B 351 -39.76 -12.30 -7.76
N ARG B 352 -39.59 -11.00 -7.51
CA ARG B 352 -38.85 -10.13 -8.42
C ARG B 352 -37.84 -9.21 -7.71
N ALA B 353 -37.79 -9.25 -6.39
CA ALA B 353 -36.93 -8.34 -5.62
C ALA B 353 -35.46 -8.79 -5.63
N ALA B 354 -34.75 -8.44 -6.71
CA ALA B 354 -33.36 -8.84 -6.94
C ALA B 354 -32.33 -8.16 -6.03
N ASN B 355 -31.56 -8.96 -5.31
CA ASN B 355 -30.55 -8.48 -4.39
C ASN B 355 -29.43 -7.69 -5.08
N ILE B 356 -29.23 -6.44 -4.66
CA ILE B 356 -28.08 -5.66 -5.12
C ILE B 356 -27.19 -5.22 -3.95
N VAL B 357 -27.27 -5.96 -2.85
CA VAL B 357 -26.46 -5.70 -1.65
C VAL B 357 -26.41 -4.19 -1.32
N ASN B 358 -27.59 -3.63 -1.03
CA ASN B 358 -27.75 -2.20 -0.85
C ASN B 358 -28.70 -2.00 0.29
N HIS B 359 -28.18 -1.57 1.44
CA HIS B 359 -28.96 -1.64 2.69
C HIS B 359 -29.08 -0.32 3.43
N TYR B 360 -30.14 -0.25 4.24
CA TYR B 360 -30.35 0.80 5.21
C TYR B 360 -30.32 0.20 6.62
N TYR B 361 -29.63 0.85 7.55
CA TYR B 361 -29.68 0.48 8.98
C TYR B 361 -30.03 1.68 9.84
N SER B 362 -30.88 1.45 10.84
CA SER B 362 -31.00 2.39 11.96
C SER B 362 -29.76 2.19 12.83
N PHE B 363 -29.36 3.22 13.55
CA PHE B 363 -28.19 3.11 14.40
C PHE B 363 -28.33 2.04 15.49
N LYS B 364 -29.48 2.00 16.17
CA LYS B 364 -29.64 0.99 17.22
C LYS B 364 -29.57 -0.48 16.74
N PHE B 365 -29.82 -0.71 15.45
CA PHE B 365 -29.56 -2.03 14.89
C PHE B 365 -28.10 -2.44 15.21
N PHE B 366 -27.18 -1.48 15.06
CA PHE B 366 -25.75 -1.73 15.27
C PHE B 366 -25.37 -2.01 16.73
N GLU B 367 -26.23 -1.58 17.65
CA GLU B 367 -25.93 -1.70 19.06
C GLU B 367 -25.90 -3.15 19.60
N SER B 368 -26.48 -4.09 18.86
CA SER B 368 -26.52 -5.50 19.26
C SER B 368 -25.61 -6.43 18.44
N ILE B 369 -24.66 -5.86 17.71
CA ILE B 369 -23.68 -6.66 16.97
C ILE B 369 -23.00 -7.74 17.83
N GLU B 370 -22.50 -7.39 19.02
CA GLU B 370 -21.91 -8.37 19.94
C GLU B 370 -22.76 -9.64 20.12
N LEU B 371 -24.07 -9.50 19.96
CA LEU B 371 -25.01 -10.58 20.28
C LEU B 371 -25.23 -11.60 19.17
N TRP B 372 -24.95 -11.23 17.92
CA TRP B 372 -25.35 -12.06 16.78
C TRP B 372 -24.36 -12.12 15.61
N ALA B 373 -23.45 -11.16 15.51
CA ALA B 373 -22.57 -11.11 14.35
C ALA B 373 -21.72 -12.37 14.21
N HIS B 374 -21.27 -12.90 15.34
CA HIS B 374 -20.49 -14.13 15.37
C HIS B 374 -21.30 -15.39 15.00
N LYS B 375 -22.63 -15.29 15.07
CA LYS B 375 -23.53 -16.40 14.73
C LYS B 375 -23.85 -16.51 13.24
N LEU B 376 -23.48 -15.49 12.47
CA LEU B 376 -23.82 -15.47 11.05
C LEU B 376 -23.16 -16.62 10.30
N PRO B 377 -23.91 -17.30 9.42
CA PRO B 377 -23.37 -18.48 8.75
C PRO B 377 -22.04 -18.20 8.03
N HIS B 378 -21.19 -19.22 7.94
CA HIS B 378 -20.01 -19.13 7.11
C HIS B 378 -20.24 -19.85 5.82
N HIS B 379 -20.09 -19.14 4.72
CA HIS B 379 -20.32 -19.69 3.39
C HIS B 379 -19.01 -20.23 2.84
N VAL B 380 -19.11 -21.37 2.17
CA VAL B 380 -17.93 -22.08 1.68
C VAL B 380 -17.67 -21.80 0.19
N ALA B 381 -16.57 -21.11 -0.08
CA ALA B 381 -16.11 -20.88 -1.44
C ALA B 381 -14.82 -21.66 -1.74
N ARG B 382 -14.93 -22.66 -2.61
CA ARG B 382 -13.80 -23.46 -3.08
C ARG B 382 -12.88 -22.64 -4.02
N LYS B 383 -11.58 -22.58 -3.72
CA LYS B 383 -10.64 -21.77 -4.50
C LYS B 383 -9.29 -22.44 -4.77
N LYS B 384 -8.57 -21.92 -5.76
CA LYS B 384 -7.16 -22.24 -5.93
C LYS B 384 -6.39 -21.24 -5.06
N ILE B 385 -5.67 -21.78 -4.08
CA ILE B 385 -4.98 -20.95 -3.10
C ILE B 385 -3.50 -21.30 -3.10
N PRO B 386 -2.65 -20.41 -3.65
CA PRO B 386 -1.20 -20.65 -3.70
C PRO B 386 -0.62 -20.76 -2.29
N CYS B 387 0.12 -21.84 -2.06
CA CYS B 387 0.57 -22.17 -0.70
C CYS B 387 1.87 -22.97 -0.67
N ILE B 388 2.21 -23.43 0.53
CA ILE B 388 3.39 -24.26 0.77
C ILE B 388 2.95 -25.62 1.35
N LYS B 389 3.54 -26.71 0.82
CA LYS B 389 3.15 -28.08 1.19
C LYS B 389 3.70 -28.57 2.53
N GLU B 390 2.96 -29.49 3.15
CA GLU B 390 3.38 -30.16 4.39
C GLU B 390 4.50 -31.16 4.11
N GLY B 393 7.89 -28.37 1.95
CA GLY B 393 8.01 -26.92 2.06
C GLY B 393 8.06 -26.21 0.72
N GLU B 394 7.73 -26.95 -0.34
CA GLU B 394 7.75 -26.41 -1.70
C GLU B 394 6.60 -25.44 -1.91
N PHE B 395 6.92 -24.24 -2.42
CA PHE B 395 5.89 -23.29 -2.83
C PHE B 395 5.12 -23.88 -4.00
N PHE B 396 3.79 -23.79 -3.92
CA PHE B 396 2.90 -24.56 -4.75
C PHE B 396 1.78 -23.73 -5.35
N LYS B 397 1.67 -23.80 -6.68
CA LYS B 397 0.57 -23.17 -7.40
C LYS B 397 -0.39 -24.25 -7.88
N PRO B 398 -1.60 -24.32 -7.26
CA PRO B 398 -2.57 -25.37 -7.59
C PRO B 398 -3.31 -25.12 -8.90
N GLU B 399 -3.50 -26.18 -9.68
CA GLU B 399 -4.28 -26.17 -10.94
C GLU B 399 -5.76 -26.37 -10.65
N LYS B 400 -6.04 -27.09 -9.56
CA LYS B 400 -7.40 -27.48 -9.15
C LYS B 400 -7.64 -27.01 -7.71
N PRO B 401 -8.90 -26.67 -7.36
CA PRO B 401 -9.22 -26.22 -5.99
C PRO B 401 -8.61 -27.10 -4.90
N ASN B 402 -7.82 -26.47 -4.02
CA ASN B 402 -7.07 -27.16 -2.98
C ASN B 402 -7.58 -26.86 -1.56
N GLY B 403 -8.45 -25.85 -1.46
CA GLY B 403 -8.98 -25.42 -0.16
C GLY B 403 -10.15 -24.46 -0.27
N ILE B 404 -10.54 -23.90 0.87
CA ILE B 404 -11.73 -23.05 0.98
C ILE B 404 -11.46 -21.71 1.68
N LYS B 405 -12.21 -20.70 1.26
CA LYS B 405 -12.33 -19.43 1.99
C LYS B 405 -13.71 -19.43 2.60
N LEU B 406 -13.81 -18.98 3.84
CA LEU B 406 -15.08 -18.85 4.55
C LEU B 406 -15.42 -17.39 4.65
N GLU B 407 -16.72 -17.10 4.54
CA GLU B 407 -17.21 -15.72 4.44
C GLU B 407 -18.62 -15.57 5.00
N GLN B 408 -18.83 -14.55 5.82
CA GLN B 408 -20.18 -14.14 6.22
C GLN B 408 -20.77 -13.14 5.19
N PHE B 409 -22.06 -13.23 4.93
CA PHE B 409 -22.73 -12.34 3.99
C PHE B 409 -23.56 -11.31 4.76
N VAL B 410 -23.48 -10.06 4.31
CA VAL B 410 -24.11 -8.90 4.97
C VAL B 410 -25.63 -9.01 5.06
N PHE B 411 -26.22 -9.74 4.12
CA PHE B 411 -27.68 -9.81 4.05
C PHE B 411 -28.26 -10.94 4.87
N ASP B 412 -27.40 -11.81 5.39
CA ASP B 412 -27.83 -12.96 6.19
C ASP B 412 -28.41 -12.59 7.54
N VAL B 413 -28.39 -11.29 7.88
CA VAL B 413 -28.99 -10.87 9.15
C VAL B 413 -30.51 -10.73 9.10
N PHE B 414 -31.09 -10.74 7.90
CA PHE B 414 -32.51 -10.39 7.72
C PHE B 414 -33.48 -11.18 8.60
N PRO B 415 -33.33 -12.52 8.67
CA PRO B 415 -34.32 -13.32 9.44
C PRO B 415 -34.46 -12.96 10.92
N MET B 416 -33.49 -12.23 11.49
CA MET B 416 -33.55 -11.80 12.89
C MET B 416 -34.46 -10.61 13.17
N THR B 417 -34.97 -10.00 12.09
CA THR B 417 -35.82 -8.82 12.20
C THR B 417 -37.26 -9.22 11.91
N PRO B 418 -38.22 -8.71 12.70
CA PRO B 418 -39.63 -9.01 12.35
C PRO B 418 -40.04 -8.34 11.05
N LEU B 419 -40.81 -9.05 10.23
CA LEU B 419 -41.41 -8.46 9.02
C LEU B 419 -41.88 -7.02 9.23
N GLU B 420 -42.54 -6.82 10.36
CA GLU B 420 -43.04 -5.53 10.83
C GLU B 420 -41.97 -4.43 10.87
N LYS B 421 -40.70 -4.79 11.14
CA LYS B 421 -39.60 -3.80 11.19
C LYS B 421 -38.65 -3.95 9.98
N PHE B 422 -39.16 -4.47 8.89
CA PHE B 422 -38.35 -4.66 7.69
C PHE B 422 -39.02 -3.90 6.54
N ALA B 423 -38.21 -3.40 5.60
CA ALA B 423 -38.76 -2.76 4.41
C ALA B 423 -37.91 -2.98 3.20
N CYS B 424 -38.52 -2.85 2.03
CA CYS B 424 -37.84 -3.13 0.76
C CYS B 424 -38.29 -2.13 -0.30
N ILE B 425 -37.32 -1.46 -0.91
CA ILE B 425 -37.64 -0.52 -1.99
C ILE B 425 -37.05 -0.98 -3.32
N GLU B 426 -37.92 -1.08 -4.33
CA GLU B 426 -37.50 -1.39 -5.68
C GLU B 426 -37.18 -0.12 -6.47
N VAL B 427 -36.03 -0.13 -7.13
CA VAL B 427 -35.53 1.04 -7.86
C VAL B 427 -35.31 0.68 -9.32
N ARG B 428 -35.01 1.70 -10.14
CA ARG B 428 -34.74 1.51 -11.57
C ARG B 428 -33.30 1.06 -11.80
N ARG B 429 -33.13 -0.12 -12.38
CA ARG B 429 -31.80 -0.67 -12.69
C ARG B 429 -30.93 0.31 -13.47
N GLU B 430 -31.53 0.92 -14.49
CA GLU B 430 -30.85 1.82 -15.42
C GLU B 430 -30.38 3.16 -14.81
N ASP B 431 -30.96 3.51 -13.66
CA ASP B 431 -30.56 4.70 -12.89
C ASP B 431 -29.72 4.41 -11.65
N GLU B 432 -29.79 3.16 -11.15
CA GLU B 432 -29.33 2.87 -9.79
C GLU B 432 -28.44 1.63 -9.62
N PHE B 433 -28.23 0.87 -10.69
CA PHE B 433 -27.41 -0.35 -10.59
C PHE B 433 -26.63 -0.73 -11.85
N SER B 434 -25.32 -0.56 -11.80
CA SER B 434 -24.46 -0.90 -12.91
C SER B 434 -23.17 -1.39 -12.32
N PRO B 435 -23.09 -2.71 -12.04
CA PRO B 435 -21.96 -3.28 -11.33
C PRO B 435 -20.73 -3.43 -12.23
N LEU B 436 -19.55 -3.16 -11.67
CA LEU B 436 -18.28 -3.38 -12.33
C LEU B 436 -17.64 -4.65 -11.80
N LYS B 437 -17.82 -5.74 -12.53
CA LYS B 437 -17.38 -7.07 -12.10
C LYS B 437 -16.23 -7.58 -12.95
N ASN B 438 -16.34 -7.41 -14.27
CA ASN B 438 -15.48 -8.06 -15.25
C ASN B 438 -14.56 -7.10 -16.02
N ALA B 439 -13.51 -7.65 -16.64
CA ALA B 439 -12.57 -6.85 -17.44
C ALA B 439 -13.18 -6.41 -18.77
N ARG B 440 -12.60 -5.38 -19.37
CA ARG B 440 -13.09 -4.80 -20.62
C ARG B 440 -13.02 -5.83 -21.76
N GLY B 441 -14.00 -5.78 -22.65
CA GLY B 441 -14.11 -6.80 -23.68
C GLY B 441 -14.87 -8.04 -23.24
N THR B 442 -15.25 -8.10 -21.96
CA THR B 442 -16.08 -9.22 -21.48
C THR B 442 -17.46 -9.18 -22.14
N GLY B 443 -18.09 -8.00 -22.13
CA GLY B 443 -19.42 -7.78 -22.74
C GLY B 443 -20.54 -7.56 -21.73
N GLU B 444 -20.23 -7.79 -20.45
CA GLU B 444 -21.24 -7.85 -19.39
C GLU B 444 -20.62 -7.36 -18.08
N ASP B 445 -21.36 -6.54 -17.34
CA ASP B 445 -20.92 -6.01 -16.04
C ASP B 445 -19.45 -5.58 -16.06
N ASP B 446 -19.07 -4.87 -17.10
CA ASP B 446 -17.68 -4.45 -17.30
C ASP B 446 -17.57 -2.92 -17.39
N PRO B 447 -16.36 -2.37 -17.66
CA PRO B 447 -16.18 -0.92 -17.81
C PRO B 447 -17.04 -0.28 -18.89
N ASP B 448 -17.30 -1.04 -19.96
CA ASP B 448 -18.03 -0.51 -21.12
C ASP B 448 -19.52 -0.36 -20.82
N THR B 449 -20.09 -1.37 -20.19
CA THR B 449 -21.46 -1.31 -19.68
C THR B 449 -21.62 -0.21 -18.62
N SER B 450 -20.67 -0.12 -17.70
CA SER B 450 -20.65 0.91 -16.64
C SER B 450 -20.65 2.33 -17.22
N LYS B 451 -19.70 2.59 -18.11
CA LYS B 451 -19.60 3.84 -18.86
C LYS B 451 -20.90 4.18 -19.61
N ARG B 452 -21.37 3.24 -20.42
CA ARG B 452 -22.61 3.36 -21.20
C ARG B 452 -23.81 3.67 -20.31
N ASP B 453 -23.89 3.00 -19.16
CA ASP B 453 -24.99 3.25 -18.22
C ASP B 453 -25.00 4.68 -17.68
N ILE B 454 -23.82 5.14 -17.24
CA ILE B 454 -23.65 6.49 -16.73
C ILE B 454 -23.90 7.53 -17.82
N MET B 455 -23.33 7.31 -19.00
CA MET B 455 -23.46 8.26 -20.10
C MET B 455 -24.86 8.32 -20.71
N SER B 456 -25.60 7.21 -20.69
CA SER B 456 -26.97 7.25 -21.17
C SER B 456 -27.92 7.85 -20.12
N GLN B 457 -27.61 7.64 -18.84
CA GLN B 457 -28.30 8.35 -17.75
C GLN B 457 -28.18 9.85 -17.91
N GLY B 458 -26.95 10.30 -18.17
CA GLY B 458 -26.66 11.73 -18.27
C GLY B 458 -27.44 12.38 -19.38
N GLN B 459 -27.44 11.73 -20.54
CA GLN B 459 -28.20 12.19 -21.70
C GLN B 459 -29.71 12.25 -21.42
N ARG B 460 -30.27 11.19 -20.85
CA ARG B 460 -31.69 11.16 -20.44
C ARG B 460 -32.03 12.34 -19.53
N TRP B 461 -31.18 12.59 -18.55
CA TRP B 461 -31.39 13.69 -17.60
C TRP B 461 -31.40 15.04 -18.29
N ILE B 462 -30.49 15.20 -19.24
CA ILE B 462 -30.37 16.45 -20.01
C ILE B 462 -31.60 16.64 -20.88
N GLU B 463 -32.07 15.56 -21.50
CA GLU B 463 -33.30 15.58 -22.32
C GLU B 463 -34.56 15.96 -21.50
N LYS B 464 -34.77 15.33 -20.35
CA LYS B 464 -35.84 15.70 -19.43
C LYS B 464 -35.88 17.19 -19.08
N ALA B 465 -34.71 17.79 -18.91
CA ALA B 465 -34.58 19.20 -18.54
C ALA B 465 -34.79 20.16 -19.72
N GLY B 466 -34.83 19.62 -20.94
CA GLY B 466 -35.02 20.43 -22.14
C GLY B 466 -33.82 20.48 -23.07
N GLY B 467 -32.73 19.80 -22.68
CA GLY B 467 -31.51 19.80 -23.49
C GLY B 467 -31.64 18.99 -24.75
N ILE B 468 -30.81 19.32 -25.73
CA ILE B 468 -30.82 18.65 -27.03
C ILE B 468 -29.45 18.03 -27.26
N VAL B 469 -29.41 16.70 -27.25
CA VAL B 469 -28.16 15.95 -27.39
C VAL B 469 -28.03 15.38 -28.80
N ILE B 470 -27.10 15.96 -29.55
CA ILE B 470 -26.82 15.57 -30.93
C ILE B 470 -25.63 14.60 -30.97
N THR B 471 -25.82 13.45 -31.62
CA THR B 471 -24.78 12.42 -31.68
C THR B 471 -24.24 12.28 -33.12
N GLY B 477 -23.96 9.24 -25.60
CA GLY B 477 -24.37 9.78 -24.30
C GLY B 477 -23.58 11.00 -23.83
N VAL B 478 -23.86 11.42 -22.60
CA VAL B 478 -23.22 12.57 -21.97
C VAL B 478 -22.96 12.27 -20.50
N GLU B 479 -21.72 12.54 -20.04
CA GLU B 479 -21.41 12.43 -18.63
C GLU B 479 -21.82 13.71 -17.91
N VAL B 480 -22.66 13.56 -16.90
CA VAL B 480 -23.00 14.65 -16.01
C VAL B 480 -22.32 14.39 -14.67
N SER B 481 -21.43 15.31 -14.30
CA SER B 481 -20.72 15.28 -13.04
C SER B 481 -21.71 15.34 -11.90
N PRO B 482 -21.51 14.50 -10.86
CA PRO B 482 -22.38 14.54 -9.68
C PRO B 482 -22.48 15.92 -9.07
N LEU B 483 -21.43 16.73 -9.22
CA LEU B 483 -21.41 18.10 -8.72
C LEU B 483 -22.33 19.08 -9.48
N ILE B 484 -22.66 18.74 -10.71
CA ILE B 484 -23.69 19.42 -11.47
C ILE B 484 -25.07 18.82 -11.13
N SER B 485 -25.15 17.50 -11.11
CA SER B 485 -26.43 16.85 -10.84
C SER B 485 -26.26 15.53 -10.10
N TYR B 486 -26.85 15.48 -8.90
CA TYR B 486 -26.90 14.28 -8.09
C TYR B 486 -27.76 13.20 -8.75
N GLY B 487 -28.97 13.60 -9.17
CA GLY B 487 -30.02 12.65 -9.53
C GLY B 487 -31.02 13.11 -10.57
N GLY B 488 -30.64 14.09 -11.39
CA GLY B 488 -31.42 14.54 -12.54
C GLY B 488 -31.86 15.97 -12.37
N GLU B 489 -31.80 16.45 -11.12
CA GLU B 489 -32.21 17.79 -10.75
C GLU B 489 -31.13 18.80 -11.14
N GLY B 490 -31.47 20.08 -11.14
CA GLY B 490 -30.51 21.15 -11.44
C GLY B 490 -29.99 21.26 -12.86
N LEU B 491 -30.74 20.79 -13.86
CA LEU B 491 -30.26 20.89 -15.25
C LEU B 491 -31.02 21.91 -16.11
N GLU B 492 -31.90 22.68 -15.49
CA GLU B 492 -32.77 23.61 -16.23
C GLU B 492 -32.00 24.64 -17.04
N PHE B 493 -30.80 24.98 -16.57
CA PHE B 493 -29.91 25.90 -17.29
C PHE B 493 -29.54 25.36 -18.67
N LEU B 494 -29.94 24.12 -18.98
CA LEU B 494 -29.61 23.49 -20.26
C LEU B 494 -30.78 23.40 -21.25
N LYS B 495 -31.97 23.85 -20.82
CA LYS B 495 -33.19 23.73 -21.64
C LYS B 495 -33.00 24.21 -23.08
N GLY B 496 -32.45 25.39 -23.25
CA GLY B 496 -32.20 25.88 -24.60
C GLY B 496 -31.13 25.08 -25.32
N ARG B 497 -29.97 24.97 -24.67
CA ARG B 497 -28.69 24.58 -25.28
C ARG B 497 -28.71 23.31 -26.14
N GLU B 498 -27.84 23.31 -27.14
CA GLU B 498 -27.53 22.11 -27.88
C GLU B 498 -26.22 21.52 -27.34
N ILE B 499 -26.17 20.19 -27.25
CA ILE B 499 -25.01 19.48 -26.69
C ILE B 499 -24.59 18.39 -27.65
N LYS B 500 -23.33 18.45 -28.09
CA LYS B 500 -22.80 17.45 -29.01
C LYS B 500 -22.22 16.30 -28.20
N ALA B 501 -22.80 15.11 -28.37
CA ALA B 501 -22.31 13.87 -27.76
C ALA B 501 -21.22 13.19 -28.61
N PRO B 502 -20.24 12.51 -27.96
CA PRO B 502 -20.03 12.41 -26.51
C PRO B 502 -19.56 13.73 -25.90
N ALA B 503 -20.10 14.05 -24.73
CA ALA B 503 -19.68 15.23 -23.98
C ALA B 503 -19.65 14.90 -22.49
N PHE B 504 -19.32 15.92 -21.70
CA PHE B 504 -19.20 15.80 -20.25
C PHE B 504 -19.42 17.18 -19.63
N ILE B 505 -20.45 17.28 -18.78
CA ILE B 505 -20.83 18.53 -18.11
C ILE B 505 -20.24 18.56 -16.71
N GLU B 506 -19.51 19.64 -16.39
CA GLU B 506 -18.78 19.78 -15.12
C GLU B 506 -18.90 21.19 -14.51
N LYS B 507 -18.46 21.29 -13.24
CA LYS B 507 -18.29 22.54 -12.45
C LYS B 507 -19.48 22.80 -11.52
#